data_7OWQ
#
_entry.id   7OWQ
#
_cell.length_a   93.655
_cell.length_b   58.876
_cell.length_c   154.207
_cell.angle_alpha   90.000
_cell.angle_beta   92.062
_cell.angle_gamma   90.000
#
_symmetry.space_group_name_H-M   'C 1 2 1'
#
loop_
_entity.id
_entity.type
_entity.pdbx_description
1 polymer 'Glycylpeptide N-tetradecanoyltransferase 1'
2 polymer MGY-ASN-CYS-PHE-SER-LYS-PRO-ARG
3 non-polymer TETRADECANOYL-COA
#
loop_
_entity_poly.entity_id
_entity_poly.type
_entity_poly.pdbx_seq_one_letter_code
_entity_poly.pdbx_strand_id
1 'polypeptide(L)'
;GGSEFSVGQGPAKTMEEASKRSYQFWDTQPVPKLGEVVNTHGPVEPDKDNIRQEPYTLPQGFTWDALDLGDRGVLKELYT
LLNENYVEDDDNMFRFDYSPEFLLWALRPPGWLPQWHCGVRVVSSRKLVGFISAIPANIHIYDTEKKMVEINFLCVHKKL
RSKRVAPVLIREITRRVHLEGIFQAVYTAGVVLPKPVGTCRYWHRSLNPRKLIEVKFSHLSRNMTMQRTMKLYRLPETPK
TAGLRPMETKDIPVVHQLLTRYLKQFHLTPVMSQEEVEHWFYPQENIIDTFVVENANGEVTDFLSFYTLPSTIMNHPTHK
SLKAAYSFYNVHTQTPLLDLMSDALVLAKMKGFDVFNALDLMENKTFLEKLKFGIGDGNLQYYLYNWKCPSMGAEKVGLV
LQ
;
A,B
2 'polypeptide(L)' (SAR)NCFSKPR D,F
#
# COMPACT_ATOMS: atom_id res chain seq x y z
N ALA A 12 22.68 -13.55 22.51
CA ALA A 12 22.46 -12.77 23.72
C ALA A 12 20.97 -12.67 24.04
N LYS A 13 20.59 -13.17 25.20
CA LYS A 13 19.20 -13.16 25.64
C LYS A 13 18.91 -12.12 26.71
N THR A 14 19.90 -11.79 27.55
CA THR A 14 19.81 -10.71 28.50
C THR A 14 20.59 -9.50 27.97
N MET A 15 20.14 -8.31 28.35
CA MET A 15 20.58 -7.11 27.62
C MET A 15 22.03 -6.75 27.92
N GLU A 16 22.49 -6.92 29.16
CA GLU A 16 23.86 -6.56 29.49
C GLU A 16 24.85 -7.69 29.23
N GLU A 17 24.39 -8.84 28.72
CA GLU A 17 25.32 -9.77 28.10
C GLU A 17 25.59 -9.39 26.65
N ALA A 18 24.68 -8.62 26.05
CA ALA A 18 24.94 -8.13 24.70
C ALA A 18 26.04 -7.09 24.69
N SER A 19 26.31 -6.47 25.84
CA SER A 19 27.31 -5.40 25.90
C SER A 19 28.71 -5.93 25.62
N LYS A 20 29.00 -7.18 26.02
CA LYS A 20 30.31 -7.74 25.75
C LYS A 20 30.47 -8.16 24.29
N ARG A 21 29.37 -8.36 23.58
CA ARG A 21 29.43 -8.78 22.19
C ARG A 21 29.83 -7.63 21.27
N SER A 22 30.16 -7.98 20.04
CA SER A 22 30.34 -7.02 18.96
C SER A 22 29.60 -7.55 17.74
N TYR A 23 28.92 -6.66 17.03
CA TYR A 23 27.99 -7.06 15.98
C TYR A 23 28.60 -6.73 14.62
N GLN A 24 29.08 -7.78 13.93
CA GLN A 24 29.71 -7.59 12.63
C GLN A 24 28.70 -7.17 11.57
N PHE A 25 27.45 -7.58 11.71
CA PHE A 25 26.41 -7.25 10.73
C PHE A 25 25.49 -6.14 11.19
N TRP A 26 25.16 -6.06 12.48
CA TRP A 26 24.27 -5.03 12.97
C TRP A 26 24.98 -3.70 13.23
N ASP A 27 26.31 -3.64 13.08
CA ASP A 27 27.00 -2.36 13.04
C ASP A 27 27.08 -1.79 11.64
N THR A 28 26.63 -2.53 10.63
CA THR A 28 26.54 -2.03 9.27
C THR A 28 25.16 -1.47 8.94
N GLN A 29 24.10 -1.85 9.73
CA GLN A 29 22.69 -1.53 9.52
C GLN A 29 22.31 -0.23 10.23
N PRO A 30 21.32 0.50 9.69
CA PRO A 30 20.91 1.79 10.29
C PRO A 30 20.05 1.61 11.54
N VAL A 31 20.68 1.10 12.60
CA VAL A 31 20.00 0.91 13.88
C VAL A 31 20.78 1.66 14.95
N PRO A 32 20.14 2.15 16.00
CA PRO A 32 20.87 2.81 17.09
C PRO A 32 21.80 1.84 17.80
N LYS A 33 22.88 2.38 18.35
CA LYS A 33 23.82 1.56 19.11
C LYS A 33 23.26 1.23 20.48
N LEU A 34 23.63 0.07 21.00
CA LEU A 34 23.05 -0.41 22.26
C LEU A 34 23.36 0.52 23.43
N GLY A 35 24.45 1.27 23.36
CA GLY A 35 24.84 2.10 24.48
C GLY A 35 24.25 3.49 24.46
N GLU A 36 24.02 4.04 23.28
CA GLU A 36 23.66 5.45 23.15
C GLU A 36 22.22 5.70 23.59
N VAL A 37 22.01 6.83 24.25
CA VAL A 37 20.67 7.31 24.56
C VAL A 37 20.14 8.06 23.34
N VAL A 38 18.83 7.95 23.11
CA VAL A 38 18.18 8.56 21.97
C VAL A 38 17.29 9.68 22.46
N ASN A 39 17.59 10.91 22.02
CA ASN A 39 16.78 12.07 22.33
C ASN A 39 16.04 12.61 21.12
N THR A 40 16.17 11.96 19.96
CA THR A 40 15.63 12.47 18.71
C THR A 40 14.64 11.47 18.11
N HIS A 41 13.86 11.95 17.14
CA HIS A 41 12.85 11.16 16.46
C HIS A 41 13.05 11.34 14.95
N GLY A 42 13.72 10.39 14.31
CA GLY A 42 13.96 10.48 12.89
C GLY A 42 14.68 9.28 12.31
N PRO A 43 14.83 9.26 10.99
CA PRO A 43 15.54 8.15 10.34
C PRO A 43 17.03 8.19 10.62
N VAL A 44 17.67 7.03 10.47
CA VAL A 44 19.11 6.94 10.64
C VAL A 44 19.86 7.27 9.35
N GLU A 45 19.29 6.99 8.20
CA GLU A 45 19.94 7.20 6.91
C GLU A 45 18.91 7.67 5.90
N PRO A 46 19.34 8.38 4.86
CA PRO A 46 18.37 8.97 3.92
C PRO A 46 17.76 7.93 3.00
N ASP A 47 16.53 8.19 2.57
CA ASP A 47 15.84 7.31 1.65
C ASP A 47 16.63 7.18 0.35
N LYS A 48 16.68 5.97 -0.18
CA LYS A 48 17.63 5.65 -1.23
C LYS A 48 17.17 6.14 -2.59
N ASP A 49 18.05 6.86 -3.28
CA ASP A 49 17.75 7.36 -4.63
C ASP A 49 17.65 6.21 -5.62
N ASN A 50 18.67 5.36 -5.65
CA ASN A 50 18.70 4.18 -6.51
C ASN A 50 18.72 2.94 -5.64
N ILE A 51 17.99 1.91 -6.05
CA ILE A 51 17.93 0.65 -5.33
C ILE A 51 18.59 -0.43 -6.19
N ARG A 52 19.50 -1.18 -5.57
CA ARG A 52 20.18 -2.27 -6.24
C ARG A 52 19.21 -3.21 -6.93
N GLN A 53 19.50 -3.55 -8.19
CA GLN A 53 18.61 -4.37 -9.01
C GLN A 53 18.90 -5.86 -8.94
N GLU A 54 20.09 -6.26 -8.51
CA GLU A 54 20.46 -7.67 -8.56
C GLU A 54 20.38 -8.28 -7.18
N PRO A 55 19.72 -9.43 -7.03
CA PRO A 55 19.71 -10.11 -5.72
C PRO A 55 21.11 -10.46 -5.27
N TYR A 56 21.29 -10.50 -3.95
CA TYR A 56 22.59 -10.81 -3.39
C TYR A 56 23.01 -12.23 -3.74
N THR A 57 24.30 -12.50 -3.57
CA THR A 57 24.90 -13.76 -4.00
C THR A 57 24.72 -14.80 -2.89
N LEU A 58 23.90 -15.81 -3.15
CA LEU A 58 23.82 -16.92 -2.21
C LEU A 58 25.00 -17.86 -2.43
N PRO A 59 25.43 -18.57 -1.37
CA PRO A 59 26.54 -19.53 -1.52
C PRO A 59 26.28 -20.55 -2.62
N GLN A 60 27.35 -21.22 -3.07
CA GLN A 60 27.27 -22.11 -4.22
C GLN A 60 26.28 -23.23 -3.98
N GLY A 61 25.44 -23.49 -4.98
CA GLY A 61 24.44 -24.54 -4.89
C GLY A 61 23.13 -24.11 -4.26
N PHE A 62 22.82 -22.83 -4.26
CA PHE A 62 21.58 -22.32 -3.67
C PHE A 62 21.06 -21.17 -4.51
N THR A 63 19.74 -21.06 -4.58
CA THR A 63 19.09 -20.03 -5.39
C THR A 63 17.85 -19.52 -4.68
N TRP A 64 17.60 -18.22 -4.80
CA TRP A 64 16.41 -17.61 -4.22
C TRP A 64 15.16 -18.11 -4.94
N ASP A 65 14.05 -18.06 -4.21
CA ASP A 65 12.74 -18.35 -4.78
C ASP A 65 11.71 -17.41 -4.17
N ALA A 66 10.49 -17.47 -4.70
CA ALA A 66 9.36 -16.69 -4.19
C ALA A 66 8.19 -17.64 -4.05
N LEU A 67 7.89 -18.03 -2.81
CA LEU A 67 6.91 -19.07 -2.56
C LEU A 67 5.49 -18.54 -2.78
N ASP A 68 4.73 -19.24 -3.62
CA ASP A 68 3.31 -18.95 -3.83
C ASP A 68 2.52 -19.79 -2.84
N LEU A 69 2.06 -19.15 -1.77
CA LEU A 69 1.34 -19.88 -0.72
C LEU A 69 -0.07 -20.27 -1.13
N GLY A 70 -0.54 -19.80 -2.29
CA GLY A 70 -1.78 -20.33 -2.84
C GLY A 70 -1.67 -21.75 -3.35
N ASP A 71 -0.47 -22.31 -3.33
CA ASP A 71 -0.22 -23.69 -3.74
C ASP A 71 -0.19 -24.57 -2.51
N ARG A 72 -1.05 -25.60 -2.49
CA ARG A 72 -1.08 -26.52 -1.35
C ARG A 72 0.26 -27.21 -1.16
N GLY A 73 0.97 -27.49 -2.25
CA GLY A 73 2.28 -28.13 -2.19
C GLY A 73 3.37 -27.23 -1.66
N VAL A 74 3.38 -25.97 -2.09
CA VAL A 74 4.41 -25.04 -1.63
C VAL A 74 4.17 -24.67 -0.17
N LEU A 75 2.91 -24.47 0.22
CA LEU A 75 2.59 -24.16 1.61
C LEU A 75 2.99 -25.30 2.53
N LYS A 76 2.75 -26.54 2.09
CA LYS A 76 3.18 -27.70 2.88
C LYS A 76 4.70 -27.72 3.03
N GLU A 77 5.43 -27.33 1.97
CA GLU A 77 6.87 -27.17 2.08
C GLU A 77 7.22 -26.14 3.15
N LEU A 78 6.52 -25.00 3.15
CA LEU A 78 6.79 -23.97 4.14
C LEU A 78 6.45 -24.44 5.54
N TYR A 79 5.35 -25.19 5.70
CA TYR A 79 5.02 -25.74 7.01
C TYR A 79 6.08 -26.73 7.47
N THR A 80 6.51 -27.62 6.57
CA THR A 80 7.54 -28.59 6.93
C THR A 80 8.85 -27.90 7.31
N LEU A 81 9.22 -26.85 6.58
CA LEU A 81 10.45 -26.12 6.88
C LEU A 81 10.38 -25.51 8.28
N LEU A 82 9.27 -24.85 8.61
CA LEU A 82 9.14 -24.20 9.92
C LEU A 82 8.88 -25.21 11.04
N ASN A 83 8.09 -26.24 10.77
CA ASN A 83 7.75 -27.21 11.82
C ASN A 83 9.00 -27.90 12.36
N GLU A 84 10.05 -28.03 11.55
CA GLU A 84 11.23 -28.77 11.94
C GLU A 84 12.43 -27.89 12.29
N ASN A 85 12.41 -26.61 11.90
CA ASN A 85 13.59 -25.76 12.00
C ASN A 85 13.33 -24.39 12.60
N TYR A 86 12.14 -24.15 13.15
CA TYR A 86 11.83 -22.82 13.66
C TYR A 86 12.27 -22.64 15.10
N VAL A 87 11.59 -21.78 15.85
CA VAL A 87 12.04 -21.39 17.18
C VAL A 87 11.80 -22.54 18.16
N GLU A 88 12.80 -22.79 19.00
CA GLU A 88 12.70 -23.76 20.08
C GLU A 88 12.96 -23.07 21.40
N ASP A 89 12.56 -23.71 22.50
CA ASP A 89 12.85 -23.16 23.81
C ASP A 89 14.35 -23.27 24.08
N ASP A 90 14.77 -22.71 25.22
CA ASP A 90 16.21 -22.66 25.52
C ASP A 90 16.78 -24.05 25.75
N ASP A 91 16.00 -24.96 26.34
CA ASP A 91 16.45 -26.32 26.63
C ASP A 91 16.16 -27.31 25.50
N ASN A 92 15.66 -26.82 24.36
CA ASN A 92 15.33 -27.67 23.21
C ASN A 92 14.30 -28.74 23.58
N MET A 93 13.21 -28.30 24.21
CA MET A 93 12.10 -29.19 24.56
C MET A 93 10.89 -28.99 23.66
N PHE A 94 10.63 -27.76 23.21
CA PHE A 94 9.43 -27.44 22.44
C PHE A 94 9.80 -26.62 21.22
N ARG A 95 9.12 -26.90 20.10
CA ARG A 95 9.30 -26.17 18.87
C ARG A 95 7.94 -25.73 18.35
N PHE A 96 7.88 -24.50 17.81
CA PHE A 96 6.61 -23.95 17.37
C PHE A 96 6.01 -24.76 16.23
N ASP A 97 4.68 -24.76 16.15
CA ASP A 97 3.94 -25.56 15.18
C ASP A 97 2.86 -24.68 14.54
N TYR A 98 3.29 -23.68 13.77
CA TYR A 98 2.36 -22.83 13.05
C TYR A 98 1.57 -23.65 12.04
N SER A 99 0.26 -23.44 12.01
CA SER A 99 -0.59 -24.12 11.06
C SER A 99 -0.37 -23.57 9.65
N PRO A 100 -0.52 -24.40 8.62
CA PRO A 100 -0.51 -23.86 7.25
C PRO A 100 -1.63 -22.87 7.01
N GLU A 101 -2.80 -23.11 7.61
CA GLU A 101 -3.88 -22.12 7.57
C GLU A 101 -3.53 -20.89 8.39
N PHE A 102 -2.76 -21.07 9.47
CA PHE A 102 -2.27 -19.91 10.22
C PHE A 102 -1.32 -19.08 9.39
N LEU A 103 -0.43 -19.72 8.64
CA LEU A 103 0.55 -18.98 7.84
C LEU A 103 -0.14 -18.11 6.80
N LEU A 104 -1.17 -18.64 6.14
CA LEU A 104 -1.93 -17.84 5.20
C LEU A 104 -2.57 -16.62 5.88
N TRP A 105 -3.03 -16.81 7.12
CA TRP A 105 -3.64 -15.71 7.86
C TRP A 105 -2.64 -14.60 8.13
N ALA A 106 -1.40 -14.96 8.45
CA ALA A 106 -0.38 -13.99 8.84
C ALA A 106 0.56 -13.60 7.70
N LEU A 107 0.46 -14.25 6.53
CA LEU A 107 1.31 -13.91 5.40
C LEU A 107 0.53 -13.35 4.22
N ARG A 108 -0.80 -13.27 4.31
CA ARG A 108 -1.62 -12.65 3.26
C ARG A 108 -2.63 -11.67 3.86
N PRO A 109 -2.16 -10.60 4.50
CA PRO A 109 -3.07 -9.51 4.86
C PRO A 109 -3.24 -8.57 3.68
N PRO A 110 -4.25 -7.69 3.71
CA PRO A 110 -4.41 -6.70 2.64
C PRO A 110 -3.11 -5.99 2.25
N GLY A 111 -2.70 -6.15 0.99
CA GLY A 111 -1.52 -5.49 0.47
C GLY A 111 -0.30 -6.37 0.32
N TRP A 112 -0.37 -7.65 0.69
CA TRP A 112 0.78 -8.53 0.61
C TRP A 112 1.32 -8.61 -0.82
N LEU A 113 2.60 -8.95 -0.94
CA LEU A 113 3.25 -9.07 -2.22
C LEU A 113 3.99 -10.40 -2.31
N PRO A 114 3.92 -11.10 -3.43
CA PRO A 114 4.56 -12.42 -3.53
C PRO A 114 6.07 -12.36 -3.36
N GLN A 115 6.73 -11.35 -3.92
CA GLN A 115 8.18 -11.25 -3.77
C GLN A 115 8.62 -10.97 -2.35
N TRP A 116 7.68 -10.76 -1.43
CA TRP A 116 8.01 -10.58 -0.02
C TRP A 116 7.90 -11.89 0.77
N HIS A 117 7.61 -13.01 0.12
CA HIS A 117 7.71 -14.33 0.72
C HIS A 117 8.97 -14.99 0.17
N CYS A 118 10.11 -14.58 0.71
CA CYS A 118 11.41 -14.94 0.17
C CYS A 118 11.86 -16.30 0.71
N GLY A 119 12.20 -17.21 -0.19
CA GLY A 119 12.65 -18.53 0.19
C GLY A 119 14.01 -18.84 -0.44
N VAL A 120 14.76 -19.72 0.22
CA VAL A 120 16.06 -20.17 -0.25
C VAL A 120 15.98 -21.67 -0.51
N ARG A 121 16.37 -22.07 -1.72
CA ARG A 121 16.28 -23.46 -2.15
C ARG A 121 17.65 -24.01 -2.52
N VAL A 122 17.76 -25.34 -2.42
CA VAL A 122 18.92 -26.06 -2.93
C VAL A 122 18.66 -26.42 -4.39
N VAL A 123 19.65 -26.22 -5.24
CA VAL A 123 19.43 -26.39 -6.68
C VAL A 123 19.17 -27.86 -7.01
N SER A 124 19.91 -28.78 -6.40
CA SER A 124 19.79 -30.20 -6.73
C SER A 124 18.46 -30.77 -6.21
N SER A 125 18.27 -30.77 -4.89
CA SER A 125 17.07 -31.34 -4.31
C SER A 125 15.82 -30.55 -4.67
N ARG A 126 15.97 -29.24 -4.90
CA ARG A 126 14.88 -28.28 -4.91
C ARG A 126 14.18 -28.18 -3.56
N LYS A 127 14.88 -28.61 -2.50
CA LYS A 127 14.37 -28.52 -1.15
C LYS A 127 14.46 -27.08 -0.64
N LEU A 128 13.61 -26.77 0.33
CA LEU A 128 13.50 -25.43 0.90
C LEU A 128 14.26 -25.40 2.22
N VAL A 129 15.31 -24.59 2.29
CA VAL A 129 16.20 -24.54 3.44
C VAL A 129 16.20 -23.20 4.14
N GLY A 130 15.40 -22.24 3.69
CA GLY A 130 15.37 -20.94 4.33
C GLY A 130 14.11 -20.19 3.98
N PHE A 131 13.85 -19.13 4.74
CA PHE A 131 12.67 -18.31 4.52
C PHE A 131 12.76 -17.02 5.33
N ILE A 132 12.26 -15.93 4.75
CA ILE A 132 12.04 -14.67 5.46
C ILE A 132 10.84 -14.00 4.81
N SER A 133 10.10 -13.22 5.61
CA SER A 133 8.82 -12.70 5.18
C SER A 133 8.74 -11.19 5.41
N ALA A 134 7.77 -10.57 4.75
CA ALA A 134 7.51 -9.15 4.89
C ALA A 134 6.07 -8.86 4.47
N ILE A 135 5.32 -8.22 5.36
CA ILE A 135 3.95 -7.79 5.06
C ILE A 135 3.85 -6.30 5.33
N PRO A 136 2.99 -5.57 4.63
CA PRO A 136 2.90 -4.11 4.85
C PRO A 136 2.10 -3.77 6.09
N ALA A 137 2.59 -2.78 6.84
CA ALA A 137 1.96 -2.37 8.08
C ALA A 137 2.13 -0.87 8.27
N ASN A 138 1.02 -0.19 8.57
CA ASN A 138 1.05 1.24 8.89
C ASN A 138 1.25 1.37 10.40
N ILE A 139 2.44 1.79 10.81
CA ILE A 139 2.84 1.83 12.21
C ILE A 139 2.85 3.27 12.70
N HIS A 140 2.24 3.50 13.85
CA HIS A 140 2.23 4.80 14.51
C HIS A 140 3.19 4.73 15.69
N ILE A 141 4.31 5.45 15.59
CA ILE A 141 5.34 5.46 16.63
C ILE A 141 5.45 6.88 17.16
N TYR A 142 5.16 7.04 18.46
CA TYR A 142 5.11 8.34 19.12
C TYR A 142 4.16 9.29 18.39
N ASP A 143 4.70 10.31 17.72
CA ASP A 143 3.87 11.28 17.01
C ASP A 143 3.97 11.14 15.50
N THR A 144 4.62 10.08 15.01
CA THR A 144 4.79 9.88 13.58
C THR A 144 4.04 8.62 13.15
N GLU A 145 3.46 8.68 11.95
CA GLU A 145 2.71 7.58 11.36
C GLU A 145 3.42 7.17 10.08
N LYS A 146 4.02 5.98 10.08
CA LYS A 146 4.92 5.57 9.01
C LYS A 146 4.45 4.28 8.36
N LYS A 147 4.59 4.23 7.03
CA LYS A 147 4.30 3.01 6.27
C LYS A 147 5.51 2.08 6.37
N MET A 148 5.34 0.98 7.10
CA MET A 148 6.44 0.06 7.38
C MET A 148 6.08 -1.35 6.91
N VAL A 149 6.95 -2.30 7.24
CA VAL A 149 6.71 -3.71 7.02
C VAL A 149 7.10 -4.48 8.27
N GLU A 150 6.42 -5.59 8.50
CA GLU A 150 6.72 -6.48 9.62
C GLU A 150 7.49 -7.69 9.09
N ILE A 151 8.72 -7.86 9.58
CA ILE A 151 9.56 -8.99 9.19
C ILE A 151 9.29 -10.14 10.15
N ASN A 152 8.92 -11.29 9.61
CA ASN A 152 8.62 -12.46 10.43
C ASN A 152 9.11 -13.72 9.73
N PHE A 153 9.20 -14.79 10.51
CA PHE A 153 9.52 -16.13 10.01
C PHE A 153 10.91 -16.17 9.36
N LEU A 154 11.89 -15.62 10.06
CA LEU A 154 13.29 -15.74 9.65
C LEU A 154 13.77 -17.14 10.03
N CYS A 155 13.88 -18.02 9.04
CA CYS A 155 14.23 -19.41 9.29
C CYS A 155 15.33 -19.86 8.34
N VAL A 156 16.24 -20.68 8.86
CA VAL A 156 17.32 -21.30 8.10
C VAL A 156 17.43 -22.75 8.57
N HIS A 157 17.64 -23.66 7.62
CA HIS A 157 17.69 -25.08 7.93
C HIS A 157 18.78 -25.38 8.95
N LYS A 158 18.55 -26.40 9.77
CA LYS A 158 19.46 -26.73 10.87
C LYS A 158 20.82 -27.19 10.36
N LYS A 159 20.85 -27.93 9.25
CA LYS A 159 22.13 -28.38 8.70
C LYS A 159 22.94 -27.23 8.13
N LEU A 160 22.30 -26.12 7.78
CA LEU A 160 22.95 -24.98 7.14
C LEU A 160 23.21 -23.83 8.12
N ARG A 161 23.14 -24.10 9.42
CA ARG A 161 23.23 -23.05 10.42
C ARG A 161 24.66 -22.53 10.57
N SER A 162 24.75 -21.31 11.10
CA SER A 162 26.02 -20.71 11.53
C SER A 162 27.02 -20.54 10.40
N LYS A 163 26.53 -20.29 9.19
CA LYS A 163 27.41 -20.13 8.03
C LYS A 163 26.96 -18.96 7.16
N ARG A 164 26.74 -17.81 7.79
CA ARG A 164 26.57 -16.49 7.16
C ARG A 164 25.24 -16.33 6.42
N VAL A 165 24.37 -17.34 6.42
CA VAL A 165 23.18 -17.28 5.57
C VAL A 165 22.13 -16.33 6.13
N ALA A 166 22.14 -16.10 7.46
CA ALA A 166 21.12 -15.22 8.04
C ALA A 166 21.30 -13.77 7.60
N PRO A 167 22.50 -13.16 7.65
CA PRO A 167 22.63 -11.79 7.15
C PRO A 167 22.36 -11.65 5.67
N VAL A 168 22.45 -12.73 4.88
CA VAL A 168 22.11 -12.65 3.47
C VAL A 168 20.61 -12.53 3.29
N LEU A 169 19.83 -13.23 4.14
CA LEU A 169 18.37 -13.13 4.06
C LEU A 169 17.89 -11.73 4.38
N ILE A 170 18.55 -11.06 5.33
CA ILE A 170 18.08 -9.75 5.78
C ILE A 170 18.36 -8.68 4.72
N ARG A 171 19.49 -8.79 4.02
CA ARG A 171 19.82 -7.78 3.03
C ARG A 171 18.95 -7.92 1.78
N GLU A 172 18.58 -9.14 1.41
CA GLU A 172 17.73 -9.32 0.24
C GLU A 172 16.31 -8.85 0.49
N ILE A 173 15.73 -9.26 1.63
CA ILE A 173 14.36 -8.83 1.95
C ILE A 173 14.30 -7.31 2.10
N THR A 174 15.37 -6.70 2.62
CA THR A 174 15.43 -5.24 2.66
C THR A 174 15.44 -4.66 1.26
N ARG A 175 16.20 -5.28 0.36
CA ARG A 175 16.23 -4.83 -1.03
C ARG A 175 14.86 -4.99 -1.69
N ARG A 176 14.13 -6.05 -1.35
CA ARG A 176 12.80 -6.26 -1.92
C ARG A 176 11.84 -5.16 -1.48
N VAL A 177 11.92 -4.75 -0.22
CA VAL A 177 11.00 -3.75 0.30
C VAL A 177 11.47 -2.33 -0.03
N HIS A 178 12.78 -2.12 -0.18
CA HIS A 178 13.27 -0.82 -0.64
C HIS A 178 12.80 -0.52 -2.04
N LEU A 179 12.60 -1.56 -2.87
CA LEU A 179 12.10 -1.36 -4.22
C LEU A 179 10.67 -0.85 -4.23
N GLU A 180 9.93 -1.02 -3.13
CA GLU A 180 8.55 -0.58 -3.05
C GLU A 180 8.39 0.73 -2.28
N GLY A 181 9.49 1.43 -1.99
CA GLY A 181 9.44 2.73 -1.38
C GLY A 181 9.37 2.77 0.12
N ILE A 182 9.42 1.61 0.79
CA ILE A 182 9.35 1.54 2.24
C ILE A 182 10.77 1.39 2.79
N PHE A 183 11.13 2.26 3.75
CA PHE A 183 12.48 2.31 4.26
C PHE A 183 12.57 2.11 5.77
N GLN A 184 11.44 1.96 6.46
CA GLN A 184 11.41 1.59 7.87
C GLN A 184 10.81 0.20 8.03
N ALA A 185 11.00 -0.37 9.22
CA ALA A 185 10.49 -1.71 9.49
C ALA A 185 10.35 -1.90 10.99
N VAL A 186 9.55 -2.90 11.35
CA VAL A 186 9.32 -3.27 12.75
C VAL A 186 9.31 -4.79 12.83
N TYR A 187 9.84 -5.33 13.93
CA TYR A 187 9.95 -6.77 14.11
C TYR A 187 10.28 -7.07 15.56
N THR A 188 9.90 -8.26 15.99
CA THR A 188 10.12 -8.71 17.36
C THR A 188 11.00 -9.95 17.36
N ALA A 189 11.87 -10.05 18.37
CA ALA A 189 12.77 -11.18 18.50
C ALA A 189 13.09 -11.41 19.97
N GLY A 190 13.46 -12.64 20.29
CA GLY A 190 13.86 -12.97 21.65
C GLY A 190 15.29 -12.60 21.97
N VAL A 191 16.18 -12.67 20.98
CA VAL A 191 17.57 -12.29 21.18
C VAL A 191 17.68 -10.78 21.34
N VAL A 192 18.81 -10.34 21.89
CA VAL A 192 19.07 -8.93 22.16
C VAL A 192 19.99 -8.39 21.07
N LEU A 193 19.53 -7.38 20.36
CA LEU A 193 20.22 -6.75 19.26
C LEU A 193 20.10 -5.25 19.39
N PRO A 194 20.98 -4.48 18.73
CA PRO A 194 20.80 -3.02 18.72
C PRO A 194 19.66 -2.63 17.78
N LYS A 195 18.67 -1.90 18.30
CA LYS A 195 18.53 -1.61 19.73
C LYS A 195 17.04 -1.61 20.07
N PRO A 196 16.65 -2.31 21.13
CA PRO A 196 15.22 -2.47 21.43
C PRO A 196 14.58 -1.14 21.82
N VAL A 197 13.42 -0.85 21.21
CA VAL A 197 12.62 0.28 21.66
C VAL A 197 11.73 -0.11 22.84
N GLY A 198 11.55 -1.41 23.09
CA GLY A 198 10.78 -1.89 24.21
C GLY A 198 11.03 -3.36 24.50
N THR A 199 10.98 -3.74 25.77
CA THR A 199 11.17 -5.13 26.19
C THR A 199 9.93 -5.59 26.96
N CYS A 200 9.36 -6.72 26.53
CA CYS A 200 8.13 -7.24 27.10
C CYS A 200 8.35 -8.64 27.63
N ARG A 201 7.83 -8.91 28.81
CA ARG A 201 7.94 -10.21 29.46
C ARG A 201 6.69 -11.05 29.19
N TYR A 202 6.89 -12.34 28.91
CA TYR A 202 5.76 -13.25 28.80
C TYR A 202 5.26 -13.66 30.16
N TRP A 203 3.94 -13.84 30.25
CA TRP A 203 3.28 -14.43 31.40
C TRP A 203 2.41 -15.59 30.93
N HIS A 204 2.17 -16.54 31.83
CA HIS A 204 1.52 -17.79 31.46
C HIS A 204 0.46 -18.14 32.48
N ARG A 205 -0.73 -18.51 31.99
CA ARG A 205 -1.83 -18.95 32.83
C ARG A 205 -2.20 -20.37 32.43
N SER A 206 -2.16 -21.29 33.39
CA SER A 206 -2.33 -22.71 33.11
C SER A 206 -3.80 -23.10 33.25
N LEU A 207 -4.39 -23.55 32.13
CA LEU A 207 -5.76 -24.03 32.12
C LEU A 207 -5.86 -25.53 32.37
N ASN A 208 -4.86 -26.29 31.91
CA ASN A 208 -4.79 -27.74 32.09
C ASN A 208 -3.46 -28.04 32.76
N PRO A 209 -3.36 -27.85 34.07
CA PRO A 209 -2.06 -28.00 34.75
C PRO A 209 -1.53 -29.42 34.78
N ARG A 210 -2.37 -30.43 34.53
CA ARG A 210 -1.89 -31.80 34.55
C ARG A 210 -0.90 -32.06 33.42
N LYS A 211 -1.21 -31.59 32.22
CA LYS A 211 -0.37 -31.87 31.06
C LYS A 211 0.92 -31.06 31.10
N LEU A 212 0.85 -29.81 31.55
CA LEU A 212 2.03 -28.96 31.60
C LEU A 212 3.08 -29.50 32.55
N ILE A 213 2.66 -30.14 33.64
CA ILE A 213 3.61 -30.71 34.59
C ILE A 213 4.21 -32.00 34.04
N GLU A 214 3.41 -32.81 33.34
CA GLU A 214 3.93 -34.06 32.81
C GLU A 214 4.96 -33.84 31.71
N VAL A 215 4.78 -32.79 30.90
CA VAL A 215 5.72 -32.48 29.83
C VAL A 215 6.81 -31.50 30.27
N LYS A 216 6.86 -31.19 31.57
CA LYS A 216 7.87 -30.28 32.14
C LYS A 216 7.77 -28.88 31.55
N PHE A 217 6.56 -28.44 31.18
CA PHE A 217 6.35 -27.02 30.88
C PHE A 217 6.47 -26.18 32.14
N SER A 218 5.86 -26.63 33.23
CA SER A 218 5.96 -26.01 34.53
C SER A 218 6.24 -27.09 35.56
N HIS A 219 6.65 -26.66 36.76
CA HIS A 219 6.94 -27.58 37.86
C HIS A 219 5.98 -27.35 39.01
N LEU A 220 5.74 -28.40 39.78
CA LEU A 220 4.90 -28.29 40.97
C LEU A 220 5.57 -27.34 41.97
N SER A 221 4.82 -26.34 42.40
CA SER A 221 5.39 -25.21 43.13
C SER A 221 5.89 -25.64 44.51
N ARG A 222 6.46 -24.68 45.23
CA ARG A 222 7.00 -24.93 46.56
C ARG A 222 5.87 -25.28 47.53
N ASN A 223 5.94 -26.49 48.10
CA ASN A 223 4.95 -26.97 49.05
C ASN A 223 3.55 -27.00 48.43
N MET A 224 3.39 -27.85 47.42
CA MET A 224 2.12 -27.96 46.71
C MET A 224 1.96 -29.36 46.15
N THR A 225 0.77 -29.91 46.30
CA THR A 225 0.39 -31.16 45.67
C THR A 225 -0.26 -30.85 44.32
N MET A 226 -0.40 -31.88 43.49
CA MET A 226 -1.12 -31.70 42.23
C MET A 226 -2.61 -31.46 42.48
N GLN A 227 -3.16 -32.07 43.54
CA GLN A 227 -4.59 -31.92 43.81
C GLN A 227 -4.95 -30.47 44.11
N ARG A 228 -4.12 -29.79 44.91
CA ARG A 228 -4.37 -28.37 45.18
C ARG A 228 -4.13 -27.53 43.92
N THR A 229 -3.07 -27.84 43.18
CA THR A 229 -2.80 -27.12 41.93
C THR A 229 -3.89 -27.38 40.90
N MET A 230 -4.42 -28.60 40.86
CA MET A 230 -5.57 -28.88 40.00
C MET A 230 -6.79 -28.07 40.43
N LYS A 231 -6.95 -27.86 41.73
CA LYS A 231 -8.07 -27.10 42.27
C LYS A 231 -7.79 -25.62 42.40
N LEU A 232 -6.54 -25.19 42.27
CA LEU A 232 -6.23 -23.77 42.33
C LEU A 232 -6.48 -23.09 40.99
N TYR A 233 -6.18 -23.77 39.89
CA TYR A 233 -6.29 -23.20 38.56
C TYR A 233 -7.60 -23.56 37.87
N ARG A 234 -8.52 -24.22 38.57
CA ARG A 234 -9.81 -24.56 37.98
C ARG A 234 -10.59 -23.30 37.66
N LEU A 235 -11.47 -23.40 36.67
CA LEU A 235 -12.21 -22.27 36.14
C LEU A 235 -13.69 -22.58 36.06
N PRO A 236 -14.55 -21.56 36.06
CA PRO A 236 -15.99 -21.79 35.88
C PRO A 236 -16.30 -22.40 34.52
N GLU A 237 -17.53 -22.90 34.39
CA GLU A 237 -17.94 -23.57 33.17
C GLU A 237 -18.16 -22.59 32.04
N THR A 238 -18.98 -21.56 32.26
CA THR A 238 -19.41 -20.65 31.22
C THR A 238 -19.06 -19.20 31.58
N PRO A 239 -18.90 -18.32 30.58
CA PRO A 239 -18.50 -16.94 30.86
C PRO A 239 -19.59 -16.16 31.59
N LYS A 240 -19.14 -15.26 32.46
CA LYS A 240 -20.03 -14.48 33.31
C LYS A 240 -20.52 -13.19 32.67
N THR A 241 -19.80 -12.65 31.70
CA THR A 241 -20.18 -11.36 31.11
C THR A 241 -21.45 -11.49 30.29
N ALA A 242 -22.36 -10.53 30.46
CA ALA A 242 -23.63 -10.57 29.77
C ALA A 242 -23.48 -10.21 28.31
N GLY A 243 -24.23 -10.91 27.45
CA GLY A 243 -24.27 -10.58 26.04
C GLY A 243 -22.98 -10.79 25.29
N LEU A 244 -22.08 -11.62 25.81
CA LEU A 244 -20.82 -11.92 25.13
C LEU A 244 -21.08 -12.98 24.06
N ARG A 245 -20.60 -12.74 22.84
CA ARG A 245 -20.82 -13.64 21.73
C ARG A 245 -19.69 -13.48 20.72
N PRO A 246 -19.49 -14.46 19.84
CA PRO A 246 -18.49 -14.31 18.78
C PRO A 246 -18.78 -13.11 17.88
N MET A 247 -17.73 -12.68 17.18
CA MET A 247 -17.81 -11.59 16.24
C MET A 247 -18.27 -12.10 14.87
N GLU A 248 -18.95 -11.22 14.12
CA GLU A 248 -19.42 -11.56 12.78
C GLU A 248 -19.24 -10.34 11.88
N THR A 249 -19.80 -10.44 10.66
CA THR A 249 -19.59 -9.41 9.65
C THR A 249 -20.08 -8.05 10.11
N LYS A 250 -21.28 -8.01 10.71
CA LYS A 250 -21.89 -6.74 11.10
C LYS A 250 -21.14 -6.02 12.22
N ASP A 251 -20.11 -6.64 12.80
CA ASP A 251 -19.39 -6.03 13.91
C ASP A 251 -18.06 -5.38 13.51
N ILE A 252 -17.67 -5.48 12.24
CA ILE A 252 -16.36 -4.98 11.81
C ILE A 252 -16.24 -3.47 12.01
N PRO A 253 -17.18 -2.64 11.51
CA PRO A 253 -16.98 -1.19 11.64
C PRO A 253 -16.84 -0.71 13.09
N VAL A 254 -17.61 -1.28 14.02
CA VAL A 254 -17.55 -0.82 15.41
C VAL A 254 -16.31 -1.37 16.09
N VAL A 255 -15.94 -2.62 15.81
CA VAL A 255 -14.72 -3.19 16.38
C VAL A 255 -13.51 -2.38 15.92
N HIS A 256 -13.49 -1.99 14.65
CA HIS A 256 -12.47 -1.05 14.17
C HIS A 256 -12.51 0.24 14.98
N GLN A 257 -13.70 0.83 15.14
CA GLN A 257 -13.82 2.10 15.84
C GLN A 257 -13.39 1.98 17.30
N LEU A 258 -13.66 0.83 17.92
CA LEU A 258 -13.26 0.62 19.31
C LEU A 258 -11.74 0.55 19.44
N LEU A 259 -11.10 -0.22 18.57
CA LEU A 259 -9.65 -0.39 18.66
C LEU A 259 -8.91 0.90 18.32
N THR A 260 -9.41 1.67 17.35
CA THR A 260 -8.70 2.86 16.92
C THR A 260 -8.59 3.88 18.05
N ARG A 261 -9.69 4.13 18.76
CA ARG A 261 -9.64 5.08 19.87
C ARG A 261 -8.87 4.50 21.06
N TYR A 262 -9.04 3.21 21.32
CA TYR A 262 -8.38 2.59 22.47
C TYR A 262 -6.87 2.68 22.38
N LEU A 263 -6.32 2.59 21.16
CA LEU A 263 -4.88 2.54 20.99
C LEU A 263 -4.20 3.89 21.15
N LYS A 264 -4.96 4.99 21.05
CA LYS A 264 -4.37 6.33 21.03
C LYS A 264 -3.59 6.67 22.30
N GLN A 265 -3.70 5.87 23.36
CA GLN A 265 -2.97 6.14 24.59
C GLN A 265 -1.56 5.58 24.58
N PHE A 266 -1.28 4.58 23.75
CA PHE A 266 0.05 3.98 23.68
C PHE A 266 0.90 4.70 22.64
N HIS A 267 2.17 4.30 22.58
CA HIS A 267 3.16 5.01 21.76
C HIS A 267 3.71 4.19 20.60
N LEU A 268 3.48 2.88 20.57
CA LEU A 268 3.89 2.00 19.46
C LEU A 268 2.69 1.09 19.15
N THR A 269 1.86 1.53 18.22
CA THR A 269 0.63 0.85 17.86
C THR A 269 0.53 0.71 16.35
N PRO A 270 -0.37 -0.17 15.86
CA PRO A 270 -0.68 -0.19 14.43
C PRO A 270 -1.84 0.75 14.09
N VAL A 271 -1.96 1.03 12.80
CA VAL A 271 -3.06 1.82 12.25
C VAL A 271 -3.74 0.96 11.20
N MET A 272 -4.94 0.48 11.50
CA MET A 272 -5.63 -0.49 10.67
C MET A 272 -6.84 0.14 9.99
N SER A 273 -7.00 -0.17 8.70
CA SER A 273 -8.22 0.17 7.99
C SER A 273 -9.29 -0.89 8.26
N GLN A 274 -10.51 -0.58 7.85
CA GLN A 274 -11.63 -1.49 8.13
C GLN A 274 -11.43 -2.84 7.44
N GLU A 275 -10.70 -2.87 6.33
CA GLU A 275 -10.38 -4.14 5.69
C GLU A 275 -9.33 -4.91 6.49
N GLU A 276 -8.38 -4.19 7.09
CA GLU A 276 -7.35 -4.84 7.90
C GLU A 276 -7.93 -5.35 9.22
N VAL A 277 -8.85 -4.58 9.81
CA VAL A 277 -9.50 -5.02 11.05
C VAL A 277 -10.29 -6.30 10.79
N GLU A 278 -10.99 -6.38 9.67
CA GLU A 278 -11.73 -7.60 9.34
C GLU A 278 -10.80 -8.79 9.17
N HIS A 279 -9.62 -8.57 8.60
CA HIS A 279 -8.70 -9.68 8.35
C HIS A 279 -8.13 -10.22 9.66
N TRP A 280 -7.67 -9.33 10.55
CA TRP A 280 -6.96 -9.77 11.74
C TRP A 280 -7.89 -10.24 12.86
N PHE A 281 -9.18 -9.86 12.82
CA PHE A 281 -10.06 -10.12 13.95
C PHE A 281 -11.27 -10.98 13.65
N TYR A 282 -11.71 -11.08 12.40
CA TYR A 282 -12.88 -11.89 12.11
C TYR A 282 -12.58 -13.35 12.46
N PRO A 283 -13.44 -14.03 13.21
CA PRO A 283 -13.11 -15.36 13.74
C PRO A 283 -12.76 -16.35 12.64
N GLN A 284 -11.55 -16.91 12.74
CA GLN A 284 -11.10 -18.04 11.94
C GLN A 284 -10.82 -19.20 12.87
N GLU A 285 -11.53 -20.32 12.66
CA GLU A 285 -11.36 -21.47 13.53
C GLU A 285 -9.92 -21.97 13.51
N ASN A 286 -9.37 -22.23 14.69
CA ASN A 286 -8.01 -22.72 14.92
C ASN A 286 -6.94 -21.72 14.51
N ILE A 287 -7.30 -20.46 14.31
CA ILE A 287 -6.31 -19.44 13.95
C ILE A 287 -6.50 -18.24 14.86
N ILE A 288 -7.65 -17.56 14.75
CA ILE A 288 -7.95 -16.37 15.54
C ILE A 288 -9.38 -16.49 16.06
N ASP A 289 -9.56 -16.25 17.35
CA ASP A 289 -10.88 -16.22 17.98
C ASP A 289 -11.13 -14.82 18.51
N THR A 290 -12.24 -14.22 18.09
CA THR A 290 -12.68 -12.93 18.59
C THR A 290 -14.08 -13.05 19.17
N PHE A 291 -14.29 -12.43 20.32
CA PHE A 291 -15.60 -12.34 20.95
C PHE A 291 -15.88 -10.90 21.29
N VAL A 292 -17.13 -10.47 21.10
CA VAL A 292 -17.53 -9.10 21.39
C VAL A 292 -18.59 -9.11 22.49
N VAL A 293 -18.81 -7.94 23.09
CA VAL A 293 -19.77 -7.76 24.17
C VAL A 293 -20.85 -6.81 23.68
N GLU A 294 -22.06 -7.31 23.55
CA GLU A 294 -23.21 -6.51 23.12
C GLU A 294 -24.16 -6.33 24.29
N ASN A 295 -24.49 -5.08 24.61
CA ASN A 295 -25.30 -4.77 25.78
C ASN A 295 -26.78 -4.83 25.42
N ALA A 296 -27.63 -4.42 26.37
CA ALA A 296 -29.08 -4.50 26.19
C ALA A 296 -29.62 -3.52 25.16
N ASN A 297 -28.82 -2.54 24.74
CA ASN A 297 -29.23 -1.60 23.71
C ASN A 297 -28.74 -1.99 22.33
N GLY A 298 -28.17 -3.20 22.18
CA GLY A 298 -27.66 -3.64 20.90
C GLY A 298 -26.35 -3.02 20.49
N GLU A 299 -25.59 -2.49 21.44
CA GLU A 299 -24.35 -1.78 21.15
C GLU A 299 -23.17 -2.64 21.55
N VAL A 300 -22.25 -2.85 20.61
CA VAL A 300 -20.99 -3.54 20.91
C VAL A 300 -20.10 -2.55 21.65
N THR A 301 -19.80 -2.85 22.92
CA THR A 301 -19.02 -1.95 23.75
C THR A 301 -17.65 -2.48 24.14
N ASP A 302 -17.42 -3.78 24.04
CA ASP A 302 -16.12 -4.36 24.36
C ASP A 302 -15.89 -5.58 23.47
N PHE A 303 -14.63 -5.99 23.36
CA PHE A 303 -14.30 -7.24 22.69
C PHE A 303 -12.97 -7.75 23.22
N LEU A 304 -12.78 -9.07 23.10
CA LEU A 304 -11.54 -9.74 23.42
C LEU A 304 -11.13 -10.59 22.22
N SER A 305 -9.87 -11.03 22.23
CA SER A 305 -9.36 -11.84 21.13
C SER A 305 -8.12 -12.59 21.58
N PHE A 306 -7.97 -13.82 21.06
CA PHE A 306 -6.75 -14.57 21.23
C PHE A 306 -6.55 -15.43 19.98
N TYR A 307 -5.29 -15.66 19.62
CA TYR A 307 -4.97 -16.54 18.51
C TYR A 307 -4.33 -17.82 19.02
N THR A 308 -4.40 -18.86 18.19
CA THR A 308 -3.99 -20.20 18.56
C THR A 308 -2.66 -20.53 17.91
N LEU A 309 -1.66 -20.83 18.73
CA LEU A 309 -0.33 -21.24 18.25
C LEU A 309 0.16 -22.38 19.13
N PRO A 310 0.08 -23.62 18.67
CA PRO A 310 0.63 -24.74 19.42
C PRO A 310 2.11 -24.94 19.10
N SER A 311 2.75 -25.78 19.91
CA SER A 311 4.15 -26.12 19.72
C SER A 311 4.35 -27.61 19.92
N THR A 312 5.30 -28.18 19.18
CA THR A 312 5.57 -29.61 19.23
C THR A 312 6.40 -29.94 20.48
N ILE A 313 5.92 -30.92 21.23
CA ILE A 313 6.63 -31.41 22.41
C ILE A 313 7.64 -32.46 21.96
N MET A 314 8.89 -32.28 22.33
CA MET A 314 9.98 -33.06 21.77
C MET A 314 10.43 -34.18 22.71
N ASN A 315 10.77 -35.32 22.10
CA ASN A 315 11.34 -36.48 22.80
C ASN A 315 10.44 -36.97 23.94
N HIS A 316 9.13 -36.85 23.75
CA HIS A 316 8.16 -37.40 24.69
C HIS A 316 7.40 -38.53 24.01
N PRO A 317 7.38 -39.74 24.60
CA PRO A 317 6.76 -40.87 23.90
C PRO A 317 5.25 -40.79 23.81
N THR A 318 4.58 -40.08 24.72
CA THR A 318 3.12 -40.10 24.77
C THR A 318 2.46 -38.75 24.51
N HIS A 319 3.13 -37.65 24.82
CA HIS A 319 2.59 -36.31 24.59
C HIS A 319 3.34 -35.66 23.44
N LYS A 320 2.60 -35.16 22.45
CA LYS A 320 3.19 -34.67 21.22
C LYS A 320 3.06 -33.17 21.01
N SER A 321 1.85 -32.61 21.16
CA SER A 321 1.63 -31.20 20.90
C SER A 321 1.22 -30.48 22.17
N LEU A 322 1.46 -29.17 22.19
CA LEU A 322 1.15 -28.30 23.32
C LEU A 322 0.28 -27.16 22.80
N LYS A 323 -1.02 -27.29 22.98
CA LYS A 323 -1.98 -26.31 22.47
C LYS A 323 -1.97 -25.06 23.34
N ALA A 324 -1.75 -23.90 22.72
CA ALA A 324 -1.63 -22.64 23.44
C ALA A 324 -2.44 -21.56 22.74
N ALA A 325 -2.92 -20.61 23.52
CA ALA A 325 -3.63 -19.44 23.03
C ALA A 325 -2.87 -18.18 23.45
N TYR A 326 -2.77 -17.23 22.53
CA TYR A 326 -1.99 -16.02 22.76
C TYR A 326 -2.90 -14.81 22.73
N SER A 327 -2.83 -14.00 23.78
CA SER A 327 -3.67 -12.80 23.88
C SER A 327 -3.33 -11.83 22.76
N PHE A 328 -4.37 -11.37 22.05
CA PHE A 328 -4.19 -10.46 20.94
C PHE A 328 -4.45 -9.02 21.37
N TYR A 329 -5.58 -8.46 20.95
CA TYR A 329 -6.02 -7.13 21.37
C TYR A 329 -7.34 -7.26 22.12
N ASN A 330 -7.43 -6.61 23.27
CA ASN A 330 -8.63 -6.60 24.09
C ASN A 330 -8.97 -5.17 24.45
N VAL A 331 -10.06 -4.66 23.88
CA VAL A 331 -10.50 -3.28 24.08
C VAL A 331 -11.70 -3.29 25.02
N HIS A 332 -11.69 -2.40 26.01
CA HIS A 332 -12.75 -2.31 27.00
C HIS A 332 -13.21 -0.87 27.14
N THR A 333 -14.52 -0.66 27.17
CA THR A 333 -15.09 0.66 27.38
C THR A 333 -16.15 0.67 28.48
N GLN A 334 -16.99 -0.38 28.56
CA GLN A 334 -18.02 -0.46 29.57
C GLN A 334 -17.91 -1.70 30.45
N THR A 335 -17.06 -2.66 30.10
CA THR A 335 -16.76 -3.85 30.88
C THR A 335 -15.32 -3.80 31.38
N PRO A 336 -15.08 -4.12 32.65
CA PRO A 336 -13.70 -4.08 33.16
C PRO A 336 -12.81 -5.10 32.46
N LEU A 337 -11.54 -4.71 32.29
CA LEU A 337 -10.56 -5.61 31.69
C LEU A 337 -10.41 -6.90 32.48
N LEU A 338 -10.67 -6.85 33.79
CA LEU A 338 -10.55 -8.04 34.63
C LEU A 338 -11.60 -9.09 34.27
N ASP A 339 -12.85 -8.66 34.08
CA ASP A 339 -13.89 -9.61 33.69
C ASP A 339 -13.70 -10.10 32.27
N LEU A 340 -13.22 -9.22 31.38
CA LEU A 340 -13.01 -9.61 29.99
C LEU A 340 -11.98 -10.72 29.88
N MET A 341 -10.84 -10.57 30.56
CA MET A 341 -9.77 -11.56 30.46
C MET A 341 -10.12 -12.84 31.20
N SER A 342 -10.89 -12.75 32.28
CA SER A 342 -11.33 -13.94 32.99
C SER A 342 -12.19 -14.82 32.09
N ASP A 343 -13.11 -14.20 31.34
CA ASP A 343 -13.95 -14.97 30.43
C ASP A 343 -13.14 -15.49 29.24
N ALA A 344 -12.06 -14.80 28.88
CA ALA A 344 -11.19 -15.31 27.83
C ALA A 344 -10.51 -16.61 28.26
N LEU A 345 -10.09 -16.68 29.51
CA LEU A 345 -9.56 -17.93 30.05
C LEU A 345 -10.61 -19.04 29.98
N VAL A 346 -11.84 -18.73 30.40
CA VAL A 346 -12.91 -19.71 30.33
C VAL A 346 -13.17 -20.12 28.89
N LEU A 347 -13.19 -19.16 27.97
CA LEU A 347 -13.39 -19.47 26.57
C LEU A 347 -12.24 -20.30 26.01
N ALA A 348 -11.01 -20.03 26.46
CA ALA A 348 -9.88 -20.86 26.05
C ALA A 348 -9.94 -22.24 26.70
N LYS A 349 -10.44 -22.32 27.94
CA LYS A 349 -10.59 -23.61 28.59
C LYS A 349 -11.60 -24.49 27.85
N MET A 350 -12.71 -23.90 27.40
CA MET A 350 -13.73 -24.66 26.70
C MET A 350 -13.23 -25.22 25.37
N LYS A 351 -12.35 -24.49 24.69
CA LYS A 351 -11.88 -24.87 23.37
C LYS A 351 -10.74 -25.89 23.41
N GLY A 352 -10.29 -26.28 24.59
CA GLY A 352 -9.29 -27.33 24.70
C GLY A 352 -7.85 -26.86 24.82
N PHE A 353 -7.62 -25.60 25.18
CA PHE A 353 -6.26 -25.12 25.35
C PHE A 353 -5.65 -25.65 26.63
N ASP A 354 -4.34 -25.85 26.60
CA ASP A 354 -3.59 -26.29 27.78
C ASP A 354 -2.98 -25.12 28.55
N VAL A 355 -2.78 -23.97 27.91
CA VAL A 355 -2.15 -22.81 28.55
C VAL A 355 -2.62 -21.56 27.82
N PHE A 356 -2.57 -20.42 28.52
CA PHE A 356 -2.94 -19.13 27.96
C PHE A 356 -1.81 -18.16 28.24
N ASN A 357 -1.07 -17.78 27.20
CA ASN A 357 0.07 -16.87 27.31
C ASN A 357 -0.35 -15.45 26.97
N ALA A 358 0.28 -14.49 27.66
CA ALA A 358 -0.01 -13.08 27.45
C ALA A 358 1.19 -12.26 27.86
N LEU A 359 1.46 -11.19 27.11
CA LEU A 359 2.56 -10.30 27.40
C LEU A 359 2.15 -9.24 28.42
N ASP A 360 3.13 -8.47 28.88
CA ASP A 360 2.90 -7.41 29.86
C ASP A 360 2.75 -6.05 29.20
N LEU A 361 2.53 -6.00 27.89
CA LEU A 361 2.34 -4.74 27.19
C LEU A 361 0.96 -4.17 27.50
N MET A 362 0.75 -2.92 27.09
CA MET A 362 -0.49 -2.19 27.34
C MET A 362 -0.86 -2.24 28.81
N GLU A 363 -2.14 -2.44 29.11
CA GLU A 363 -2.64 -2.47 30.48
C GLU A 363 -2.64 -3.88 31.07
N ASN A 364 -1.90 -4.81 30.46
CA ASN A 364 -2.00 -6.21 30.87
C ASN A 364 -1.48 -6.44 32.29
N LYS A 365 -0.52 -5.64 32.74
CA LYS A 365 0.03 -5.82 34.08
C LYS A 365 -1.00 -5.61 35.18
N THR A 366 -2.20 -5.12 34.86
CA THR A 366 -3.22 -4.93 35.89
C THR A 366 -3.96 -6.22 36.22
N PHE A 367 -4.16 -7.10 35.24
CA PHE A 367 -4.91 -8.33 35.48
C PHE A 367 -4.03 -9.57 35.58
N LEU A 368 -2.73 -9.44 35.35
CA LEU A 368 -1.87 -10.63 35.23
C LEU A 368 -1.81 -11.40 36.54
N GLU A 369 -1.41 -10.74 37.62
CA GLU A 369 -1.29 -11.42 38.90
C GLU A 369 -2.65 -11.90 39.41
N LYS A 370 -3.69 -11.08 39.24
CA LYS A 370 -4.99 -11.40 39.83
C LYS A 370 -5.65 -12.61 39.17
N LEU A 371 -5.33 -12.89 37.91
CA LEU A 371 -5.94 -14.01 37.19
C LEU A 371 -5.05 -15.25 37.16
N LYS A 372 -4.13 -15.38 38.13
CA LYS A 372 -3.29 -16.55 38.31
C LYS A 372 -2.29 -16.77 37.18
N PHE A 373 -1.94 -15.71 36.44
CA PHE A 373 -0.87 -15.82 35.46
C PHE A 373 0.47 -16.00 36.17
N GLY A 374 1.30 -16.89 35.62
CA GLY A 374 2.64 -17.11 36.14
C GLY A 374 3.66 -16.43 35.25
N ILE A 375 4.62 -15.75 35.88
CA ILE A 375 5.64 -15.03 35.15
C ILE A 375 6.61 -16.03 34.51
N GLY A 376 6.92 -15.81 33.23
CA GLY A 376 7.71 -16.73 32.45
C GLY A 376 9.18 -16.35 32.37
N ASP A 377 9.97 -17.21 31.72
CA ASP A 377 11.40 -17.00 31.62
C ASP A 377 11.81 -16.11 30.46
N GLY A 378 11.06 -16.11 29.37
CA GLY A 378 11.50 -15.46 28.15
C GLY A 378 11.15 -13.99 28.07
N ASN A 379 12.00 -13.25 27.35
CA ASN A 379 11.79 -11.84 27.05
C ASN A 379 11.53 -11.68 25.55
N LEU A 380 10.66 -10.73 25.20
CA LEU A 380 10.41 -10.38 23.81
C LEU A 380 10.79 -8.92 23.59
N GLN A 381 11.62 -8.68 22.58
CA GLN A 381 12.10 -7.34 22.27
C GLN A 381 11.39 -6.80 21.05
N TYR A 382 11.16 -5.50 21.04
CA TYR A 382 10.59 -4.80 19.88
C TYR A 382 11.67 -3.94 19.24
N TYR A 383 11.76 -3.99 17.91
CA TYR A 383 12.78 -3.27 17.18
C TYR A 383 12.15 -2.40 16.11
N LEU A 384 12.82 -1.29 15.81
CA LEU A 384 12.48 -0.43 14.69
C LEU A 384 13.70 -0.28 13.79
N TYR A 385 13.55 -0.64 12.52
CA TYR A 385 14.62 -0.50 11.54
C TYR A 385 14.57 0.91 10.95
N ASN A 386 15.71 1.59 10.96
CA ASN A 386 15.89 2.88 10.31
C ASN A 386 15.02 3.97 10.94
N TRP A 387 14.73 3.85 12.23
CA TRP A 387 14.02 4.90 12.95
C TRP A 387 14.65 5.08 14.32
N LYS A 388 15.22 6.26 14.55
CA LYS A 388 15.76 6.64 15.85
C LYS A 388 14.65 7.25 16.69
N CYS A 389 14.41 6.69 17.87
CA CYS A 389 13.41 7.22 18.79
C CYS A 389 13.73 6.72 20.19
N PRO A 390 13.37 7.47 21.23
CA PRO A 390 13.72 7.04 22.59
C PRO A 390 12.96 5.80 23.00
N SER A 391 13.67 4.87 23.62
CA SER A 391 13.04 3.64 24.10
C SER A 391 11.99 3.97 25.15
N MET A 392 10.96 3.13 25.22
CA MET A 392 9.82 3.34 26.09
C MET A 392 9.70 2.19 27.09
N GLY A 393 8.70 2.29 27.96
CA GLY A 393 8.39 1.21 28.87
C GLY A 393 7.38 0.24 28.30
N ALA A 394 7.37 -0.97 28.86
CA ALA A 394 6.50 -2.03 28.35
C ALA A 394 5.03 -1.64 28.45
N GLU A 395 4.66 -0.81 29.42
CA GLU A 395 3.28 -0.37 29.57
C GLU A 395 2.83 0.55 28.45
N LYS A 396 3.74 1.00 27.59
CA LYS A 396 3.39 1.87 26.48
C LYS A 396 3.40 1.18 25.13
N VAL A 397 3.86 -0.08 25.06
CA VAL A 397 3.80 -0.83 23.82
C VAL A 397 2.36 -1.24 23.55
N GLY A 398 1.93 -1.04 22.30
CA GLY A 398 0.58 -1.41 21.91
C GLY A 398 0.56 -2.13 20.58
N LEU A 399 1.50 -3.05 20.39
CA LEU A 399 1.69 -3.76 19.13
C LEU A 399 1.83 -5.24 19.42
N VAL A 400 1.01 -6.06 18.76
CA VAL A 400 1.03 -7.51 18.92
C VAL A 400 1.25 -8.15 17.55
N LEU A 401 2.27 -8.98 17.44
CA LEU A 401 2.56 -9.74 16.24
C LEU A 401 2.45 -11.22 16.53
N GLN A 402 2.43 -12.02 15.47
CA GLN A 402 2.20 -13.45 15.59
C GLN A 402 3.51 -14.22 15.74
N GLY B 10 -24.15 22.75 -20.39
CA GLY B 10 -24.01 21.56 -19.55
C GLY B 10 -23.13 21.79 -18.34
N PRO B 11 -21.86 21.40 -18.43
CA PRO B 11 -20.93 21.67 -17.33
C PRO B 11 -20.12 22.95 -17.55
N ALA B 12 -19.84 23.66 -16.47
CA ALA B 12 -19.15 24.95 -16.55
C ALA B 12 -17.70 24.75 -16.98
N LYS B 13 -17.37 25.17 -18.20
CA LYS B 13 -16.02 25.07 -18.72
C LYS B 13 -15.17 26.31 -18.45
N THR B 14 -15.80 27.43 -18.08
CA THR B 14 -15.09 28.67 -17.83
C THR B 14 -15.39 29.15 -16.40
N MET B 15 -14.39 29.74 -15.76
CA MET B 15 -14.59 30.31 -14.43
C MET B 15 -15.68 31.38 -14.45
N GLU B 16 -15.78 32.13 -15.53
CA GLU B 16 -16.91 33.05 -15.70
C GLU B 16 -18.22 32.28 -15.85
N GLU B 17 -18.20 31.21 -16.64
CA GLU B 17 -19.40 30.39 -16.82
C GLU B 17 -19.76 29.64 -15.55
N ALA B 18 -18.80 29.44 -14.64
CA ALA B 18 -19.06 28.75 -13.38
C ALA B 18 -19.69 29.66 -12.33
N SER B 19 -19.72 30.98 -12.56
CA SER B 19 -20.34 31.88 -11.60
C SER B 19 -21.84 31.62 -11.47
N LYS B 20 -22.46 31.06 -12.51
CA LYS B 20 -23.91 30.87 -12.49
C LYS B 20 -24.29 29.53 -11.87
N ARG B 21 -23.59 28.46 -12.25
CA ARG B 21 -23.98 27.12 -11.85
C ARG B 21 -23.92 26.94 -10.35
N SER B 22 -24.87 26.15 -9.83
CA SER B 22 -24.96 25.85 -8.41
C SER B 22 -24.61 24.39 -8.19
N TYR B 23 -23.75 24.13 -7.23
CA TYR B 23 -23.19 22.79 -7.03
C TYR B 23 -23.91 22.13 -5.86
N GLN B 24 -25.00 21.43 -6.16
CA GLN B 24 -25.80 20.75 -5.17
C GLN B 24 -25.22 19.39 -4.76
N PHE B 25 -24.13 18.97 -5.38
CA PHE B 25 -23.41 17.77 -4.98
C PHE B 25 -22.07 18.08 -4.33
N TRP B 26 -21.41 19.14 -4.79
CA TRP B 26 -20.11 19.52 -4.27
C TRP B 26 -20.20 20.44 -3.07
N ASP B 27 -21.41 20.81 -2.66
CA ASP B 27 -21.62 21.46 -1.37
C ASP B 27 -21.79 20.46 -0.24
N THR B 28 -21.89 19.17 -0.55
CA THR B 28 -21.99 18.11 0.44
C THR B 28 -20.68 17.37 0.64
N GLN B 29 -19.63 17.74 -0.10
CA GLN B 29 -18.38 17.01 -0.16
C GLN B 29 -17.27 17.75 0.60
N PRO B 30 -16.28 17.03 1.12
CA PRO B 30 -15.15 17.70 1.78
C PRO B 30 -14.26 18.44 0.79
N VAL B 31 -14.81 19.44 0.11
CA VAL B 31 -14.03 20.26 -0.83
C VAL B 31 -14.29 21.73 -0.51
N PRO B 32 -13.31 22.60 -0.69
CA PRO B 32 -13.54 24.03 -0.43
C PRO B 32 -14.55 24.61 -1.40
N LYS B 33 -15.05 25.80 -1.05
CA LYS B 33 -15.98 26.50 -1.91
C LYS B 33 -15.24 27.25 -3.00
N LEU B 34 -15.97 27.52 -4.09
CA LEU B 34 -15.37 28.23 -5.21
C LEU B 34 -14.98 29.66 -4.83
N GLY B 35 -15.78 30.29 -3.98
CA GLY B 35 -15.54 31.68 -3.64
C GLY B 35 -14.49 31.90 -2.58
N GLU B 36 -14.37 30.98 -1.62
CA GLU B 36 -13.45 31.16 -0.52
C GLU B 36 -12.01 31.09 -1.02
N VAL B 37 -11.12 31.78 -0.31
CA VAL B 37 -9.68 31.71 -0.54
C VAL B 37 -9.06 31.00 0.66
N VAL B 38 -8.06 30.16 0.39
CA VAL B 38 -7.48 29.27 1.39
C VAL B 38 -6.11 29.78 1.77
N ASN B 39 -5.80 29.71 3.06
CA ASN B 39 -4.48 30.07 3.58
C ASN B 39 -3.95 29.04 4.57
N THR B 40 -4.61 27.89 4.68
CA THR B 40 -4.23 26.85 5.63
C THR B 40 -4.00 25.54 4.90
N HIS B 41 -3.14 24.70 5.47
CA HIS B 41 -2.81 23.39 4.92
C HIS B 41 -3.35 22.31 5.85
N GLY B 42 -4.34 21.56 5.39
CA GLY B 42 -4.91 20.49 6.17
C GLY B 42 -6.07 19.81 5.48
N PRO B 43 -6.57 18.73 6.08
CA PRO B 43 -7.77 18.08 5.55
C PRO B 43 -9.02 18.90 5.85
N VAL B 44 -10.09 18.57 5.13
CA VAL B 44 -11.38 19.23 5.38
C VAL B 44 -12.07 18.60 6.58
N GLU B 45 -12.14 17.28 6.61
CA GLU B 45 -12.76 16.56 7.72
C GLU B 45 -11.83 15.46 8.21
N PRO B 46 -11.94 15.09 9.49
CA PRO B 46 -11.04 14.06 10.04
C PRO B 46 -11.29 12.69 9.40
N ASP B 47 -10.37 11.78 9.67
CA ASP B 47 -10.52 10.41 9.19
C ASP B 47 -11.62 9.70 9.95
N LYS B 48 -12.24 8.72 9.29
CA LYS B 48 -13.48 8.11 9.77
C LYS B 48 -13.18 6.77 10.44
N ASP B 49 -13.76 6.58 11.63
CA ASP B 49 -13.47 5.37 12.40
C ASP B 49 -14.17 4.15 11.84
N ASN B 50 -15.36 4.31 11.27
CA ASN B 50 -16.10 3.20 10.69
C ASN B 50 -16.70 3.63 9.35
N ILE B 51 -16.81 2.67 8.44
CA ILE B 51 -17.20 2.92 7.05
C ILE B 51 -18.43 2.09 6.71
N ARG B 52 -19.25 2.62 5.81
CA ARG B 52 -20.40 1.87 5.30
C ARG B 52 -19.96 0.54 4.70
N GLN B 53 -20.58 -0.54 5.17
CA GLN B 53 -20.34 -1.87 4.62
C GLN B 53 -21.25 -2.19 3.45
N GLU B 54 -22.22 -1.34 3.13
CA GLU B 54 -23.20 -1.66 2.11
C GLU B 54 -23.02 -0.75 0.91
N PRO B 55 -23.01 -1.29 -0.31
CA PRO B 55 -22.96 -0.44 -1.50
C PRO B 55 -24.16 0.50 -1.56
N TYR B 56 -23.91 1.73 -2.02
CA TYR B 56 -24.98 2.69 -2.18
C TYR B 56 -26.03 2.16 -3.15
N THR B 57 -27.20 2.79 -3.12
CA THR B 57 -28.34 2.33 -3.90
C THR B 57 -28.28 2.93 -5.30
N LEU B 58 -28.12 2.07 -6.30
CA LEU B 58 -28.21 2.49 -7.69
C LEU B 58 -29.67 2.65 -8.09
N PRO B 59 -29.96 3.36 -9.18
CA PRO B 59 -31.31 3.36 -9.73
C PRO B 59 -31.80 1.94 -10.02
N GLN B 60 -33.12 1.76 -10.04
CA GLN B 60 -33.68 0.43 -10.22
C GLN B 60 -33.26 -0.16 -11.57
N GLY B 61 -32.92 -1.45 -11.56
CA GLY B 61 -32.52 -2.15 -12.75
C GLY B 61 -31.02 -2.25 -12.98
N PHE B 62 -30.21 -1.66 -12.10
CA PHE B 62 -28.77 -1.64 -12.25
C PHE B 62 -28.12 -2.24 -11.01
N THR B 63 -26.94 -2.82 -11.21
CA THR B 63 -26.21 -3.46 -10.11
C THR B 63 -24.73 -3.12 -10.22
N TRP B 64 -24.02 -3.36 -9.12
CA TRP B 64 -22.59 -3.16 -9.08
C TRP B 64 -21.84 -4.40 -9.55
N ASP B 65 -20.71 -4.18 -10.21
CA ASP B 65 -19.83 -5.27 -10.59
C ASP B 65 -18.39 -4.75 -10.58
N ALA B 66 -17.50 -5.54 -9.98
CA ALA B 66 -16.08 -5.21 -9.95
C ALA B 66 -15.42 -5.83 -11.17
N LEU B 67 -14.98 -4.99 -12.10
CA LEU B 67 -14.39 -5.48 -13.34
C LEU B 67 -13.02 -6.08 -13.08
N ASP B 68 -12.82 -7.30 -13.56
CA ASP B 68 -11.55 -8.01 -13.44
C ASP B 68 -10.87 -7.97 -14.79
N LEU B 69 -10.05 -6.92 -15.01
CA LEU B 69 -9.44 -6.69 -16.31
C LEU B 69 -8.43 -7.75 -16.70
N GLY B 70 -8.07 -8.65 -15.79
CA GLY B 70 -7.32 -9.83 -16.19
C GLY B 70 -8.09 -10.75 -17.13
N ASP B 71 -9.40 -10.53 -17.27
CA ASP B 71 -10.22 -11.24 -18.23
C ASP B 71 -10.26 -10.45 -19.54
N ARG B 72 -10.11 -11.17 -20.65
CA ARG B 72 -10.09 -10.50 -21.95
C ARG B 72 -11.48 -10.02 -22.36
N GLY B 73 -12.52 -10.74 -21.97
CA GLY B 73 -13.87 -10.30 -22.30
C GLY B 73 -14.30 -9.10 -21.47
N VAL B 74 -13.99 -9.12 -20.17
CA VAL B 74 -14.32 -7.99 -19.31
C VAL B 74 -13.54 -6.75 -19.75
N LEU B 75 -12.26 -6.92 -20.06
CA LEU B 75 -11.46 -5.82 -20.59
C LEU B 75 -12.09 -5.25 -21.85
N LYS B 76 -12.51 -6.13 -22.76
CA LYS B 76 -13.15 -5.67 -23.99
C LYS B 76 -14.45 -4.93 -23.71
N GLU B 77 -15.20 -5.35 -22.68
CA GLU B 77 -16.41 -4.62 -22.31
C GLU B 77 -16.07 -3.21 -21.85
N LEU B 78 -14.96 -3.04 -21.14
CA LEU B 78 -14.56 -1.71 -20.69
C LEU B 78 -14.05 -0.88 -21.87
N TYR B 79 -13.30 -1.50 -22.78
CA TYR B 79 -12.85 -0.80 -23.97
C TYR B 79 -14.02 -0.28 -24.78
N THR B 80 -15.03 -1.14 -25.00
CA THR B 80 -16.17 -0.75 -25.82
C THR B 80 -16.99 0.36 -25.15
N LEU B 81 -17.12 0.30 -23.82
CA LEU B 81 -17.89 1.33 -23.12
C LEU B 81 -17.18 2.68 -23.20
N LEU B 82 -15.87 2.70 -22.96
CA LEU B 82 -15.13 3.95 -23.04
C LEU B 82 -15.01 4.43 -24.48
N ASN B 83 -14.87 3.49 -25.43
CA ASN B 83 -14.76 3.87 -26.84
C ASN B 83 -15.99 4.64 -27.32
N GLU B 84 -17.16 4.35 -26.74
CA GLU B 84 -18.41 4.91 -27.23
C GLU B 84 -18.90 6.10 -26.42
N ASN B 85 -18.56 6.17 -25.11
CA ASN B 85 -19.20 7.14 -24.23
C ASN B 85 -18.24 8.04 -23.46
N TYR B 86 -16.92 7.93 -23.67
CA TYR B 86 -16.00 8.71 -22.86
C TYR B 86 -15.77 10.11 -23.44
N VAL B 87 -14.61 10.69 -23.18
CA VAL B 87 -14.38 12.11 -23.44
C VAL B 87 -14.43 12.38 -24.93
N GLU B 88 -15.17 13.41 -25.31
CA GLU B 88 -15.23 13.89 -26.69
C GLU B 88 -14.82 15.36 -26.71
N ASP B 89 -14.44 15.82 -27.90
CA ASP B 89 -14.04 17.21 -28.05
C ASP B 89 -15.26 18.13 -28.00
N ASP B 90 -15.01 19.44 -28.12
CA ASP B 90 -16.07 20.42 -27.95
C ASP B 90 -17.09 20.38 -29.08
N ASP B 91 -16.79 19.73 -30.21
CA ASP B 91 -17.65 19.77 -31.38
C ASP B 91 -18.09 18.39 -31.86
N ASN B 92 -18.00 17.38 -30.99
CA ASN B 92 -18.45 16.02 -31.30
C ASN B 92 -17.83 15.48 -32.58
N MET B 93 -16.56 15.82 -32.80
CA MET B 93 -15.83 15.27 -33.94
C MET B 93 -14.80 14.23 -33.56
N PHE B 94 -14.32 14.23 -32.32
CA PHE B 94 -13.31 13.29 -31.87
C PHE B 94 -13.70 12.69 -30.53
N ARG B 95 -13.08 11.55 -30.22
CA ARG B 95 -13.31 10.83 -28.99
C ARG B 95 -12.13 9.90 -28.76
N PHE B 96 -11.59 9.90 -27.55
CA PHE B 96 -10.43 9.06 -27.22
C PHE B 96 -10.71 7.61 -27.56
N ASP B 97 -9.64 6.90 -27.94
CA ASP B 97 -9.70 5.47 -28.26
C ASP B 97 -8.63 4.77 -27.42
N TYR B 98 -8.94 4.54 -26.14
CA TYR B 98 -8.01 3.87 -25.25
C TYR B 98 -7.88 2.40 -25.64
N SER B 99 -6.69 2.01 -26.08
CA SER B 99 -6.46 0.62 -26.45
C SER B 99 -6.59 -0.28 -25.23
N PRO B 100 -6.94 -1.56 -25.44
CA PRO B 100 -7.00 -2.48 -24.29
C PRO B 100 -5.68 -2.61 -23.54
N GLU B 101 -4.56 -2.62 -24.27
CA GLU B 101 -3.26 -2.71 -23.60
C GLU B 101 -2.91 -1.42 -22.87
N PHE B 102 -3.47 -0.29 -23.31
CA PHE B 102 -3.23 0.97 -22.60
C PHE B 102 -3.97 1.01 -21.27
N LEU B 103 -5.18 0.45 -21.22
CA LEU B 103 -5.97 0.51 -19.99
C LEU B 103 -5.37 -0.38 -18.91
N LEU B 104 -4.71 -1.48 -19.29
CA LEU B 104 -4.02 -2.29 -18.30
C LEU B 104 -2.82 -1.55 -17.73
N TRP B 105 -2.13 -0.76 -18.56
CA TRP B 105 -0.97 -0.01 -18.10
C TRP B 105 -1.38 1.16 -17.20
N ALA B 106 -2.60 1.67 -17.36
CA ALA B 106 -3.05 2.79 -16.55
C ALA B 106 -3.86 2.36 -15.33
N LEU B 107 -4.52 1.20 -15.39
CA LEU B 107 -5.38 0.75 -14.31
C LEU B 107 -4.79 -0.42 -13.52
N ARG B 108 -3.56 -0.82 -13.80
CA ARG B 108 -2.85 -1.82 -12.99
C ARG B 108 -1.42 -1.36 -12.69
N PRO B 109 -1.25 -0.23 -11.99
CA PRO B 109 0.07 0.11 -11.48
C PRO B 109 0.36 -0.68 -10.22
N PRO B 110 1.59 -0.62 -9.70
CA PRO B 110 1.88 -1.31 -8.43
C PRO B 110 0.96 -0.84 -7.32
N GLY B 111 0.16 -1.78 -6.80
CA GLY B 111 -0.76 -1.50 -5.72
C GLY B 111 -2.22 -1.55 -6.11
N TRP B 112 -2.54 -1.83 -7.37
CA TRP B 112 -3.93 -1.80 -7.82
C TRP B 112 -4.77 -2.82 -7.08
N LEU B 113 -6.03 -2.46 -6.84
CA LEU B 113 -7.00 -3.31 -6.18
C LEU B 113 -8.17 -3.56 -7.12
N PRO B 114 -8.64 -4.81 -7.26
CA PRO B 114 -9.72 -5.09 -8.21
C PRO B 114 -11.05 -4.45 -7.82
N GLN B 115 -11.28 -4.18 -6.53
CA GLN B 115 -12.51 -3.53 -6.11
C GLN B 115 -12.53 -2.05 -6.44
N TRP B 116 -11.39 -1.47 -6.82
CA TRP B 116 -11.34 -0.08 -7.27
C TRP B 116 -11.62 0.06 -8.76
N HIS B 117 -11.95 -1.03 -9.45
CA HIS B 117 -12.42 -0.98 -10.83
C HIS B 117 -13.93 -1.18 -10.80
N CYS B 118 -14.64 -0.09 -10.52
CA CYS B 118 -16.07 -0.14 -10.25
C CYS B 118 -16.85 -0.07 -11.56
N GLY B 119 -17.81 -0.98 -11.72
CA GLY B 119 -18.63 -1.02 -12.91
C GLY B 119 -20.10 -1.07 -12.57
N VAL B 120 -20.91 -0.62 -13.54
CA VAL B 120 -22.36 -0.62 -13.42
C VAL B 120 -22.92 -1.42 -14.58
N ARG B 121 -23.75 -2.42 -14.27
CA ARG B 121 -24.36 -3.27 -15.28
C ARG B 121 -25.88 -3.26 -15.14
N VAL B 122 -26.56 -3.41 -16.28
CA VAL B 122 -28.01 -3.61 -16.28
C VAL B 122 -28.30 -5.00 -15.73
N VAL B 123 -29.25 -5.08 -14.80
CA VAL B 123 -29.49 -6.33 -14.08
C VAL B 123 -29.96 -7.43 -15.03
N SER B 124 -30.97 -7.13 -15.85
CA SER B 124 -31.54 -8.12 -16.75
C SER B 124 -30.52 -8.62 -17.76
N SER B 125 -30.07 -7.73 -18.64
CA SER B 125 -28.99 -8.02 -19.59
C SER B 125 -27.73 -7.34 -19.08
N ARG B 126 -26.79 -8.16 -18.57
CA ARG B 126 -25.60 -7.63 -17.89
C ARG B 126 -24.71 -6.90 -18.90
N LYS B 127 -25.15 -5.70 -19.25
CA LYS B 127 -24.41 -4.81 -20.14
C LYS B 127 -23.72 -3.72 -19.32
N LEU B 128 -22.44 -3.51 -19.59
CA LEU B 128 -21.68 -2.49 -18.86
C LEU B 128 -22.12 -1.10 -19.32
N VAL B 129 -22.46 -0.24 -18.36
CA VAL B 129 -23.02 1.07 -18.68
C VAL B 129 -22.35 2.17 -17.86
N GLY B 130 -21.51 1.78 -16.90
CA GLY B 130 -20.86 2.77 -16.04
C GLY B 130 -19.53 2.28 -15.56
N PHE B 131 -18.66 3.23 -15.18
CA PHE B 131 -17.33 2.89 -14.71
C PHE B 131 -16.74 4.06 -13.96
N ILE B 132 -15.87 3.73 -13.00
CA ILE B 132 -15.03 4.70 -12.32
C ILE B 132 -13.91 3.91 -11.65
N SER B 133 -12.72 4.52 -11.57
CA SER B 133 -11.54 3.79 -11.13
C SER B 133 -10.78 4.59 -10.09
N ALA B 134 -9.81 3.92 -9.46
CA ALA B 134 -8.92 4.53 -8.49
C ALA B 134 -7.67 3.69 -8.40
N ILE B 135 -6.52 4.34 -8.35
CA ILE B 135 -5.23 3.65 -8.24
C ILE B 135 -4.42 4.32 -7.13
N PRO B 136 -3.60 3.56 -6.40
CA PRO B 136 -2.81 4.17 -5.32
C PRO B 136 -1.81 5.18 -5.86
N ALA B 137 -1.44 6.11 -4.99
CA ALA B 137 -0.48 7.14 -5.35
C ALA B 137 0.03 7.83 -4.09
N ASN B 138 1.32 8.13 -4.06
CA ASN B 138 1.91 8.97 -3.02
C ASN B 138 2.07 10.37 -3.61
N ILE B 139 1.34 11.33 -3.05
CA ILE B 139 1.30 12.69 -3.56
C ILE B 139 2.05 13.60 -2.59
N HIS B 140 3.05 14.30 -3.10
CA HIS B 140 3.72 15.36 -2.36
C HIS B 140 3.04 16.67 -2.72
N ILE B 141 2.32 17.25 -1.76
CA ILE B 141 1.64 18.52 -1.93
C ILE B 141 2.21 19.50 -0.91
N TYR B 142 2.87 20.56 -1.39
CA TYR B 142 3.54 21.54 -0.55
C TYR B 142 4.52 20.88 0.41
N ASP B 143 4.23 20.91 1.71
CA ASP B 143 5.12 20.35 2.72
C ASP B 143 4.62 19.02 3.29
N THR B 144 3.58 18.44 2.71
CA THR B 144 2.95 17.24 3.25
C THR B 144 2.98 16.12 2.21
N GLU B 145 3.21 14.90 2.68
CA GLU B 145 3.12 13.70 1.85
C GLU B 145 2.03 12.80 2.41
N LYS B 146 0.99 12.57 1.62
CA LYS B 146 -0.08 11.65 1.96
C LYS B 146 -0.18 10.57 0.89
N LYS B 147 -0.64 9.39 1.30
CA LYS B 147 -1.03 8.38 0.32
C LYS B 147 -2.46 8.68 -0.12
N MET B 148 -2.61 9.04 -1.39
CA MET B 148 -3.90 9.37 -1.97
C MET B 148 -4.26 8.31 -3.01
N VAL B 149 -5.33 8.57 -3.75
CA VAL B 149 -5.69 7.76 -4.91
C VAL B 149 -5.97 8.71 -6.06
N GLU B 150 -5.78 8.22 -7.29
CA GLU B 150 -6.04 8.99 -8.50
C GLU B 150 -7.31 8.46 -9.14
N ILE B 151 -8.35 9.28 -9.17
CA ILE B 151 -9.63 8.91 -9.76
C ILE B 151 -9.57 9.24 -11.24
N ASN B 152 -9.99 8.29 -12.08
CA ASN B 152 -9.94 8.48 -13.52
C ASN B 152 -10.96 7.56 -14.18
N PHE B 153 -11.30 7.89 -15.42
CA PHE B 153 -12.13 7.06 -16.30
C PHE B 153 -13.59 7.00 -15.85
N LEU B 154 -14.10 8.09 -15.26
CA LEU B 154 -15.51 8.16 -14.89
C LEU B 154 -16.35 8.23 -16.15
N CYS B 155 -17.03 7.13 -16.49
CA CYS B 155 -17.81 7.06 -17.71
C CYS B 155 -19.21 6.53 -17.42
N VAL B 156 -20.21 7.18 -18.01
CA VAL B 156 -21.60 6.75 -17.95
C VAL B 156 -22.12 6.63 -19.38
N HIS B 157 -22.84 5.55 -19.65
CA HIS B 157 -23.38 5.29 -20.97
C HIS B 157 -24.27 6.44 -21.42
N LYS B 158 -24.24 6.74 -22.73
CA LYS B 158 -24.97 7.88 -23.26
C LYS B 158 -26.46 7.80 -22.95
N LYS B 159 -27.04 6.60 -23.06
CA LYS B 159 -28.46 6.43 -22.78
C LYS B 159 -28.79 6.63 -21.31
N LEU B 160 -27.79 6.74 -20.44
CA LEU B 160 -28.02 6.85 -19.01
C LEU B 160 -27.56 8.19 -18.43
N ARG B 161 -27.24 9.17 -19.28
CA ARG B 161 -26.71 10.43 -18.79
C ARG B 161 -27.82 11.28 -18.18
N SER B 162 -27.41 12.20 -17.31
CA SER B 162 -28.30 13.14 -16.62
C SER B 162 -29.34 12.43 -15.76
N LYS B 163 -29.05 11.20 -15.32
CA LYS B 163 -29.96 10.44 -14.47
C LYS B 163 -29.31 10.10 -13.12
N ARG B 164 -28.40 10.96 -12.66
CA ARG B 164 -27.84 10.95 -11.32
C ARG B 164 -26.88 9.78 -11.08
N VAL B 165 -26.54 9.01 -12.11
CA VAL B 165 -25.68 7.85 -11.90
C VAL B 165 -24.29 8.28 -11.40
N ALA B 166 -23.84 9.48 -11.79
CA ALA B 166 -22.46 9.86 -11.47
C ALA B 166 -22.24 10.10 -9.98
N PRO B 167 -23.06 10.90 -9.27
CA PRO B 167 -22.80 11.09 -7.83
C PRO B 167 -22.76 9.79 -7.03
N VAL B 168 -23.58 8.79 -7.39
CA VAL B 168 -23.49 7.50 -6.72
C VAL B 168 -22.16 6.82 -7.04
N LEU B 169 -21.65 7.02 -8.26
CA LEU B 169 -20.35 6.46 -8.61
C LEU B 169 -19.22 7.11 -7.82
N ILE B 170 -19.32 8.42 -7.59
CA ILE B 170 -18.31 9.11 -6.81
C ILE B 170 -18.38 8.69 -5.34
N ARG B 171 -19.59 8.60 -4.79
CA ARG B 171 -19.72 8.20 -3.39
C ARG B 171 -19.29 6.75 -3.17
N GLU B 172 -19.60 5.87 -4.13
CA GLU B 172 -19.30 4.46 -3.94
C GLU B 172 -17.79 4.20 -4.00
N ILE B 173 -17.09 4.86 -4.92
CA ILE B 173 -15.64 4.67 -4.98
C ILE B 173 -14.97 5.30 -3.77
N THR B 174 -15.54 6.39 -3.25
CA THR B 174 -15.04 6.95 -1.99
C THR B 174 -15.17 5.95 -0.86
N ARG B 175 -16.32 5.25 -0.82
CA ARG B 175 -16.53 4.24 0.21
C ARG B 175 -15.54 3.09 0.08
N ARG B 176 -15.30 2.62 -1.14
CA ARG B 176 -14.37 1.52 -1.36
C ARG B 176 -12.93 1.93 -1.07
N VAL B 177 -12.61 3.22 -1.14
CA VAL B 177 -11.26 3.68 -0.82
C VAL B 177 -11.09 3.85 0.69
N HIS B 178 -12.16 4.29 1.38
CA HIS B 178 -12.10 4.43 2.83
C HIS B 178 -11.83 3.09 3.51
N LEU B 179 -12.35 2.00 2.95
CA LEU B 179 -12.13 0.68 3.52
C LEU B 179 -10.66 0.31 3.57
N GLU B 180 -9.82 0.92 2.75
CA GLU B 180 -8.39 0.68 2.76
C GLU B 180 -7.61 1.73 3.55
N GLY B 181 -8.30 2.73 4.10
CA GLY B 181 -7.67 3.70 4.97
C GLY B 181 -7.23 4.99 4.31
N ILE B 182 -7.54 5.19 3.03
CA ILE B 182 -7.14 6.38 2.30
C ILE B 182 -8.30 7.37 2.32
N PHE B 183 -8.01 8.62 2.67
CA PHE B 183 -9.04 9.63 2.85
C PHE B 183 -8.82 10.88 2.00
N GLN B 184 -7.86 10.86 1.08
CA GLN B 184 -7.65 11.96 0.15
C GLN B 184 -7.53 11.40 -1.26
N ALA B 185 -7.87 12.24 -2.24
CA ALA B 185 -7.79 11.84 -3.64
C ALA B 185 -7.45 13.04 -4.49
N VAL B 186 -6.92 12.77 -5.67
CA VAL B 186 -6.58 13.78 -6.66
C VAL B 186 -7.15 13.35 -8.00
N TYR B 187 -7.63 14.32 -8.78
CA TYR B 187 -8.27 14.02 -10.05
C TYR B 187 -8.24 15.27 -10.92
N THR B 188 -8.16 15.07 -12.23
CA THR B 188 -8.17 16.15 -13.20
C THR B 188 -9.41 16.06 -14.07
N ALA B 189 -10.01 17.21 -14.36
CA ALA B 189 -11.21 17.27 -15.18
C ALA B 189 -11.19 18.56 -15.99
N GLY B 190 -11.81 18.51 -17.16
CA GLY B 190 -11.85 19.67 -18.04
C GLY B 190 -12.91 20.70 -17.71
N VAL B 191 -13.79 20.39 -16.76
CA VAL B 191 -14.87 21.29 -16.38
C VAL B 191 -14.58 21.83 -14.98
N VAL B 192 -15.23 22.95 -14.64
CA VAL B 192 -14.90 23.71 -13.45
C VAL B 192 -15.81 23.28 -12.31
N LEU B 193 -15.19 22.86 -11.21
CA LEU B 193 -15.84 22.40 -10.00
C LEU B 193 -15.19 23.07 -8.81
N PRO B 194 -15.81 22.98 -7.63
CA PRO B 194 -15.09 23.37 -6.40
C PRO B 194 -14.13 22.25 -6.00
N LYS B 195 -12.86 22.60 -5.79
CA LYS B 195 -12.27 23.90 -6.10
C LYS B 195 -10.88 23.63 -6.68
N PRO B 196 -10.53 24.28 -7.79
CA PRO B 196 -9.29 23.92 -8.48
C PRO B 196 -8.05 24.42 -7.75
N VAL B 197 -7.15 23.50 -7.42
CA VAL B 197 -5.85 23.87 -6.88
C VAL B 197 -4.93 24.40 -7.95
N GLY B 198 -5.22 24.12 -9.22
CA GLY B 198 -4.40 24.60 -10.31
C GLY B 198 -5.15 24.43 -11.62
N THR B 199 -4.94 25.37 -12.52
CA THR B 199 -5.57 25.38 -13.83
C THR B 199 -4.50 25.31 -14.91
N CYS B 200 -4.75 24.53 -15.95
CA CYS B 200 -3.74 24.24 -16.95
C CYS B 200 -4.26 24.43 -18.37
N ARG B 201 -3.34 24.46 -19.31
CA ARG B 201 -3.62 24.73 -20.71
C ARG B 201 -2.96 23.68 -21.59
N TYR B 202 -3.70 23.19 -22.58
CA TYR B 202 -3.11 22.30 -23.56
C TYR B 202 -2.55 23.11 -24.72
N TRP B 203 -1.46 22.62 -25.28
CA TRP B 203 -0.88 23.17 -26.50
C TRP B 203 -0.70 22.05 -27.52
N HIS B 204 -0.62 22.42 -28.79
CA HIS B 204 -0.62 21.45 -29.86
C HIS B 204 0.51 21.74 -30.84
N ARG B 205 1.30 20.71 -31.14
CA ARG B 205 2.38 20.77 -32.12
C ARG B 205 2.05 19.83 -33.26
N SER B 206 2.13 20.34 -34.49
CA SER B 206 1.71 19.59 -35.67
C SER B 206 2.91 18.92 -36.33
N LEU B 207 2.71 17.67 -36.73
CA LEU B 207 3.74 16.90 -37.42
C LEU B 207 3.32 16.48 -38.82
N ASN B 208 2.05 16.11 -39.00
CA ASN B 208 1.45 15.90 -40.32
C ASN B 208 0.38 16.95 -40.54
N PRO B 209 0.74 18.17 -40.97
CA PRO B 209 -0.28 19.22 -41.11
C PRO B 209 -1.40 18.86 -42.08
N ARG B 210 -1.10 18.10 -43.13
CA ARG B 210 -2.12 17.77 -44.12
C ARG B 210 -3.22 16.90 -43.51
N LYS B 211 -2.83 15.83 -42.82
CA LYS B 211 -3.83 14.92 -42.24
C LYS B 211 -4.62 15.60 -41.13
N LEU B 212 -3.95 16.42 -40.32
CA LEU B 212 -4.66 17.18 -39.28
C LEU B 212 -5.73 18.07 -39.88
N ILE B 213 -5.42 18.74 -40.99
CA ILE B 213 -6.33 19.71 -41.58
C ILE B 213 -7.48 19.01 -42.30
N GLU B 214 -7.17 17.94 -43.05
CA GLU B 214 -8.19 17.23 -43.79
C GLU B 214 -9.21 16.57 -42.86
N VAL B 215 -8.74 16.00 -41.75
CA VAL B 215 -9.64 15.40 -40.77
C VAL B 215 -10.44 16.45 -40.03
N LYS B 216 -9.94 17.69 -39.98
CA LYS B 216 -10.55 18.89 -39.40
C LYS B 216 -10.10 19.10 -37.96
N PHE B 217 -8.91 18.62 -37.61
CA PHE B 217 -8.36 18.90 -36.29
C PHE B 217 -7.93 20.36 -36.19
N SER B 218 -7.11 20.81 -37.13
CA SER B 218 -6.62 22.18 -37.17
C SER B 218 -7.05 22.84 -38.48
N HIS B 219 -7.01 24.16 -38.49
CA HIS B 219 -7.46 24.95 -39.63
C HIS B 219 -6.29 25.68 -40.28
N LEU B 220 -6.51 26.09 -41.52
CA LEU B 220 -5.54 26.90 -42.24
C LEU B 220 -5.62 28.35 -41.78
N SER B 221 -4.47 28.92 -41.43
CA SER B 221 -4.45 30.30 -40.96
C SER B 221 -4.69 31.25 -42.13
N ARG B 222 -4.99 32.51 -41.79
CA ARG B 222 -5.24 33.52 -42.81
C ARG B 222 -3.98 33.79 -43.62
N ASN B 223 -4.15 33.87 -44.93
CA ASN B 223 -3.05 34.10 -45.87
C ASN B 223 -1.96 33.05 -45.70
N MET B 224 -2.35 31.79 -45.89
CA MET B 224 -1.41 30.69 -45.83
C MET B 224 -1.87 29.57 -46.76
N THR B 225 -0.89 28.80 -47.24
CA THR B 225 -1.13 27.65 -48.09
C THR B 225 -0.94 26.36 -47.30
N MET B 226 -1.52 25.27 -47.82
CA MET B 226 -1.18 23.97 -47.28
C MET B 226 0.30 23.66 -47.48
N GLN B 227 0.87 24.11 -48.61
CA GLN B 227 2.30 23.92 -48.85
C GLN B 227 3.15 24.68 -47.84
N ARG B 228 2.83 25.96 -47.62
CA ARG B 228 3.60 26.80 -46.72
C ARG B 228 3.61 26.24 -45.29
N THR B 229 2.53 25.56 -44.90
CA THR B 229 2.45 25.03 -43.54
C THR B 229 3.38 23.83 -43.35
N MET B 230 3.51 22.98 -44.36
CA MET B 230 4.40 21.83 -44.26
C MET B 230 5.82 22.25 -43.91
N LYS B 231 6.33 23.27 -44.58
CA LYS B 231 7.68 23.75 -44.28
C LYS B 231 7.76 24.28 -42.85
N LEU B 232 6.75 25.04 -42.41
CA LEU B 232 6.76 25.55 -41.04
C LEU B 232 6.92 24.42 -40.04
N TYR B 233 6.19 23.32 -40.23
CA TYR B 233 6.23 22.19 -39.33
C TYR B 233 7.16 21.09 -39.82
N ARG B 234 7.98 21.37 -40.83
CA ARG B 234 9.00 20.43 -41.25
C ARG B 234 10.04 20.28 -40.15
N LEU B 235 10.31 19.03 -39.77
CA LEU B 235 11.26 18.72 -38.71
C LEU B 235 12.39 17.87 -39.26
N PRO B 236 13.57 17.88 -38.62
CA PRO B 236 14.67 17.03 -39.07
C PRO B 236 14.30 15.56 -39.07
N GLU B 237 15.21 14.74 -39.59
CA GLU B 237 14.99 13.30 -39.64
C GLU B 237 15.58 12.57 -38.45
N THR B 238 16.59 13.13 -37.78
CA THR B 238 17.26 12.47 -36.67
C THR B 238 17.46 13.47 -35.55
N PRO B 239 17.23 13.06 -34.30
CA PRO B 239 17.40 14.00 -33.17
C PRO B 239 18.84 14.49 -33.04
N LYS B 240 18.97 15.65 -32.39
CA LYS B 240 20.25 16.35 -32.31
C LYS B 240 21.09 15.94 -31.12
N THR B 241 20.46 15.57 -30.00
CA THR B 241 21.20 15.33 -28.76
C THR B 241 22.07 14.09 -28.87
N ALA B 242 23.29 14.19 -28.34
CA ALA B 242 24.27 13.12 -28.45
C ALA B 242 24.04 12.05 -27.40
N GLY B 243 24.13 10.79 -27.82
CA GLY B 243 23.91 9.69 -26.90
C GLY B 243 22.46 9.49 -26.50
N LEU B 244 21.53 9.75 -27.41
CA LEU B 244 20.11 9.52 -27.17
C LEU B 244 19.77 8.09 -27.59
N ARG B 245 19.09 7.37 -26.71
CA ARG B 245 18.73 5.98 -26.97
C ARG B 245 17.50 5.63 -26.14
N PRO B 246 16.73 4.63 -26.56
CA PRO B 246 15.63 4.12 -25.72
C PRO B 246 16.08 3.69 -24.33
N MET B 247 15.12 3.54 -23.42
CA MET B 247 15.39 3.14 -22.05
C MET B 247 15.41 1.62 -21.94
N GLU B 248 16.22 1.12 -21.00
CA GLU B 248 16.34 -0.32 -20.74
C GLU B 248 16.23 -0.58 -19.25
N THR B 249 16.32 -1.86 -18.88
CA THR B 249 16.21 -2.25 -17.47
C THR B 249 17.31 -1.61 -16.63
N LYS B 250 18.52 -1.46 -17.20
CA LYS B 250 19.62 -0.89 -16.45
C LYS B 250 19.42 0.59 -16.13
N ASP B 251 18.45 1.25 -16.78
CA ASP B 251 18.19 2.66 -16.54
C ASP B 251 17.14 2.90 -15.46
N ILE B 252 16.51 1.84 -14.94
CA ILE B 252 15.45 2.04 -13.94
C ILE B 252 15.97 2.74 -12.68
N PRO B 253 17.12 2.36 -12.11
CA PRO B 253 17.59 3.10 -10.91
C PRO B 253 17.80 4.58 -11.16
N VAL B 254 18.47 4.95 -12.26
CA VAL B 254 18.87 6.34 -12.44
C VAL B 254 17.68 7.21 -12.84
N VAL B 255 16.76 6.66 -13.65
CA VAL B 255 15.57 7.41 -14.01
C VAL B 255 14.77 7.77 -12.77
N HIS B 256 14.70 6.84 -11.81
CA HIS B 256 14.02 7.10 -10.55
C HIS B 256 14.67 8.26 -9.81
N GLN B 257 16.01 8.26 -9.70
CA GLN B 257 16.68 9.29 -8.93
C GLN B 257 16.69 10.63 -9.66
N LEU B 258 16.72 10.61 -10.99
CA LEU B 258 16.60 11.86 -11.74
C LEU B 258 15.23 12.50 -11.50
N LEU B 259 14.17 11.70 -11.60
CA LEU B 259 12.83 12.24 -11.45
C LEU B 259 12.54 12.65 -10.02
N THR B 260 13.05 11.88 -9.04
CA THR B 260 12.84 12.25 -7.64
C THR B 260 13.53 13.56 -7.30
N ARG B 261 14.74 13.77 -7.82
CA ARG B 261 15.47 15.00 -7.55
C ARG B 261 14.96 16.18 -8.38
N TYR B 262 14.45 15.90 -9.58
CA TYR B 262 13.97 16.99 -10.43
C TYR B 262 12.64 17.55 -9.92
N LEU B 263 11.75 16.68 -9.46
CA LEU B 263 10.40 17.09 -9.08
C LEU B 263 10.35 17.88 -7.78
N LYS B 264 11.45 17.97 -7.03
CA LYS B 264 11.43 18.63 -5.73
C LYS B 264 11.21 20.14 -5.84
N GLN B 265 11.11 20.65 -7.06
CA GLN B 265 10.92 22.08 -7.30
C GLN B 265 9.47 22.44 -7.56
N PHE B 266 8.56 21.49 -7.51
CA PHE B 266 7.15 21.73 -7.78
C PHE B 266 6.31 21.40 -6.55
N HIS B 267 5.08 21.90 -6.52
CA HIS B 267 4.24 21.83 -5.34
C HIS B 267 3.19 20.73 -5.39
N LEU B 268 2.98 20.11 -6.56
CA LEU B 268 2.07 18.98 -6.70
C LEU B 268 2.78 17.93 -7.54
N THR B 269 3.40 16.94 -6.88
CA THR B 269 4.25 15.97 -7.55
C THR B 269 3.95 14.58 -7.02
N PRO B 270 4.34 13.55 -7.76
CA PRO B 270 4.28 12.19 -7.21
C PRO B 270 5.53 11.86 -6.42
N VAL B 271 5.39 10.87 -5.53
CA VAL B 271 6.52 10.26 -4.84
C VAL B 271 6.52 8.80 -5.26
N MET B 272 7.37 8.47 -6.24
CA MET B 272 7.40 7.17 -6.87
C MET B 272 8.53 6.31 -6.30
N SER B 273 8.34 5.00 -6.37
CA SER B 273 9.38 4.02 -6.09
C SER B 273 9.88 3.44 -7.40
N GLN B 274 10.96 2.66 -7.31
CA GLN B 274 11.55 2.09 -8.53
C GLN B 274 10.57 1.17 -9.24
N GLU B 275 9.78 0.41 -8.49
CA GLU B 275 8.76 -0.43 -9.12
C GLU B 275 7.70 0.43 -9.79
N GLU B 276 7.38 1.58 -9.19
CA GLU B 276 6.47 2.52 -9.84
C GLU B 276 7.15 3.24 -10.99
N VAL B 277 8.43 3.57 -10.83
CA VAL B 277 9.17 4.26 -11.88
C VAL B 277 9.31 3.38 -13.11
N GLU B 278 9.41 2.06 -12.93
CA GLU B 278 9.47 1.17 -14.08
C GLU B 278 8.13 1.13 -14.81
N HIS B 279 7.03 1.05 -14.07
CA HIS B 279 5.72 0.86 -14.69
C HIS B 279 5.35 2.03 -15.59
N TRP B 280 5.62 3.26 -15.16
CA TRP B 280 5.22 4.44 -15.91
C TRP B 280 6.21 4.83 -16.99
N PHE B 281 7.43 4.29 -16.97
CA PHE B 281 8.48 4.79 -17.85
C PHE B 281 9.19 3.73 -18.68
N TYR B 282 9.20 2.47 -18.27
CA TYR B 282 9.84 1.46 -19.11
C TYR B 282 9.07 1.36 -20.42
N PRO B 283 9.74 1.44 -21.57
CA PRO B 283 9.03 1.60 -22.85
C PRO B 283 8.16 0.40 -23.17
N GLN B 284 6.90 0.68 -23.50
CA GLN B 284 5.97 -0.29 -24.07
C GLN B 284 5.47 0.27 -25.40
N GLU B 285 5.52 -0.55 -26.44
CA GLU B 285 5.09 -0.09 -27.75
C GLU B 285 3.61 0.27 -27.73
N ASN B 286 3.27 1.35 -28.43
CA ASN B 286 1.92 1.88 -28.54
C ASN B 286 1.35 2.38 -27.21
N ILE B 287 2.17 2.45 -26.17
CA ILE B 287 1.69 2.87 -24.86
C ILE B 287 2.54 4.02 -24.33
N ILE B 288 3.81 3.74 -24.04
CA ILE B 288 4.71 4.73 -23.44
C ILE B 288 6.08 4.60 -24.10
N ASP B 289 6.70 5.74 -24.38
CA ASP B 289 8.04 5.79 -24.97
C ASP B 289 8.92 6.71 -24.12
N THR B 290 10.07 6.19 -23.71
CA THR B 290 11.03 6.97 -22.92
C THR B 290 12.42 6.83 -23.53
N PHE B 291 13.10 7.96 -23.71
CA PHE B 291 14.46 8.00 -24.21
C PHE B 291 15.35 8.65 -23.16
N VAL B 292 16.54 8.08 -22.98
CA VAL B 292 17.52 8.59 -22.02
C VAL B 292 18.69 9.21 -22.78
N VAL B 293 19.47 10.02 -22.06
CA VAL B 293 20.64 10.68 -22.61
C VAL B 293 21.85 10.18 -21.83
N GLU B 294 22.68 9.37 -22.48
CA GLU B 294 23.88 8.81 -21.88
C GLU B 294 25.08 9.60 -22.37
N ASN B 295 25.72 10.35 -21.46
CA ASN B 295 26.80 11.25 -21.84
C ASN B 295 28.07 10.46 -22.18
N ALA B 296 29.14 11.20 -22.51
CA ALA B 296 30.38 10.59 -22.99
C ALA B 296 31.09 9.74 -21.94
N ASN B 297 30.63 9.75 -20.69
CA ASN B 297 31.22 8.93 -19.65
C ASN B 297 30.37 7.73 -19.27
N GLY B 298 29.24 7.52 -19.95
CA GLY B 298 28.35 6.42 -19.64
C GLY B 298 27.28 6.74 -18.61
N GLU B 299 27.23 7.97 -18.11
CA GLU B 299 26.24 8.36 -17.11
C GLU B 299 25.01 8.93 -17.80
N VAL B 300 23.84 8.43 -17.43
CA VAL B 300 22.58 8.95 -17.94
C VAL B 300 22.30 10.28 -17.26
N THR B 301 22.10 11.34 -18.06
CA THR B 301 21.91 12.68 -17.53
C THR B 301 20.49 13.21 -17.69
N ASP B 302 19.79 12.85 -18.76
CA ASP B 302 18.46 13.39 -19.03
C ASP B 302 17.57 12.28 -19.56
N PHE B 303 16.26 12.50 -19.48
CA PHE B 303 15.31 11.57 -20.08
C PHE B 303 14.02 12.31 -20.41
N LEU B 304 13.37 11.85 -21.49
CA LEU B 304 12.11 12.40 -21.97
C LEU B 304 11.13 11.25 -22.19
N SER B 305 9.84 11.56 -22.14
CA SER B 305 8.81 10.54 -22.31
C SER B 305 7.55 11.15 -22.88
N PHE B 306 6.75 10.31 -23.51
CA PHE B 306 5.44 10.69 -24.02
C PHE B 306 4.62 9.42 -24.25
N TYR B 307 3.35 9.45 -23.86
CA TYR B 307 2.47 8.31 -24.05
C TYR B 307 1.59 8.50 -25.29
N THR B 308 0.95 7.40 -25.68
CA THR B 308 0.20 7.31 -26.93
C THR B 308 -1.28 7.23 -26.60
N LEU B 309 -2.07 8.13 -27.18
CA LEU B 309 -3.52 8.15 -26.95
C LEU B 309 -4.20 8.62 -28.23
N PRO B 310 -4.65 7.69 -29.06
CA PRO B 310 -5.32 8.07 -30.31
C PRO B 310 -6.78 8.44 -30.08
N SER B 311 -7.34 9.12 -31.06
CA SER B 311 -8.71 9.62 -30.99
C SER B 311 -9.51 9.08 -32.17
N THR B 312 -10.70 8.56 -31.89
CA THR B 312 -11.58 8.11 -32.95
C THR B 312 -12.19 9.30 -33.68
N ILE B 313 -12.38 9.15 -34.99
CA ILE B 313 -12.83 10.24 -35.85
C ILE B 313 -14.25 9.94 -36.31
N MET B 314 -15.16 10.87 -36.06
CA MET B 314 -16.56 10.70 -36.39
C MET B 314 -16.97 11.58 -37.57
N LYS B 320 -11.25 5.92 -39.45
CA LYS B 320 -9.93 6.52 -39.38
C LYS B 320 -9.60 6.97 -37.97
N SER B 321 -8.36 7.43 -37.78
CA SER B 321 -7.91 7.88 -36.46
C SER B 321 -6.74 8.83 -36.65
N LEU B 322 -6.49 9.63 -35.63
CA LEU B 322 -5.27 10.44 -35.56
C LEU B 322 -4.47 9.98 -34.36
N LYS B 323 -3.21 9.62 -34.60
CA LYS B 323 -2.32 9.26 -33.51
C LYS B 323 -1.85 10.52 -32.80
N ALA B 324 -1.99 10.54 -31.48
CA ALA B 324 -1.66 11.71 -30.67
C ALA B 324 -0.63 11.34 -29.61
N ALA B 325 0.30 12.26 -29.37
CA ALA B 325 1.34 12.08 -28.37
C ALA B 325 1.14 13.11 -27.27
N TYR B 326 1.20 12.65 -26.02
CA TYR B 326 1.10 13.52 -24.85
C TYR B 326 2.42 13.50 -24.10
N SER B 327 3.02 14.68 -23.93
CA SER B 327 4.24 14.79 -23.15
C SER B 327 3.99 14.27 -21.73
N PHE B 328 4.89 13.41 -21.27
CA PHE B 328 4.74 12.78 -19.96
C PHE B 328 5.59 13.52 -18.93
N TYR B 329 6.72 12.93 -18.55
CA TYR B 329 7.69 13.56 -17.66
C TYR B 329 9.01 13.73 -18.40
N ASN B 330 9.55 14.94 -18.36
CA ASN B 330 10.80 15.28 -19.04
C ASN B 330 11.74 15.92 -18.04
N VAL B 331 12.92 15.32 -17.86
CA VAL B 331 13.89 15.74 -16.86
C VAL B 331 15.18 16.14 -17.57
N HIS B 332 15.76 17.26 -17.15
CA HIS B 332 17.02 17.74 -17.68
C HIS B 332 17.99 18.03 -16.54
N THR B 333 19.26 17.66 -16.75
CA THR B 333 20.33 18.01 -15.82
C THR B 333 21.58 18.53 -16.50
N GLN B 334 21.91 18.07 -17.71
CA GLN B 334 23.07 18.56 -18.45
C GLN B 334 22.73 19.00 -19.87
N THR B 335 21.47 18.90 -20.27
CA THR B 335 20.99 19.29 -21.59
C THR B 335 19.90 20.35 -21.44
N PRO B 336 19.90 21.39 -22.27
CA PRO B 336 18.82 22.37 -22.21
C PRO B 336 17.48 21.71 -22.47
N LEU B 337 16.46 22.15 -21.72
CA LEU B 337 15.12 21.60 -21.89
C LEU B 337 14.61 21.83 -23.31
N LEU B 338 14.91 22.99 -23.89
CA LEU B 338 14.48 23.29 -25.25
C LEU B 338 15.12 22.32 -26.24
N ASP B 339 16.37 21.94 -26.00
CA ASP B 339 17.01 20.93 -26.83
C ASP B 339 16.41 19.55 -26.59
N LEU B 340 16.11 19.24 -25.33
CA LEU B 340 15.56 17.92 -25.01
C LEU B 340 14.20 17.70 -25.67
N MET B 341 13.38 18.74 -25.74
CA MET B 341 12.03 18.60 -26.28
C MET B 341 12.01 18.62 -27.80
N SER B 342 12.99 19.26 -28.43
CA SER B 342 13.07 19.23 -29.90
C SER B 342 13.27 17.81 -30.39
N ASP B 343 14.14 17.06 -29.73
CA ASP B 343 14.36 15.66 -30.10
C ASP B 343 13.13 14.81 -29.80
N ALA B 344 12.30 15.22 -28.83
CA ALA B 344 11.05 14.51 -28.57
C ALA B 344 10.09 14.65 -29.75
N LEU B 345 9.97 15.86 -30.31
CA LEU B 345 9.13 16.07 -31.47
C LEU B 345 9.61 15.24 -32.65
N VAL B 346 10.93 15.16 -32.85
CA VAL B 346 11.48 14.42 -33.98
C VAL B 346 11.24 12.93 -33.81
N LEU B 347 11.39 12.41 -32.60
CA LEU B 347 11.18 10.99 -32.36
C LEU B 347 9.72 10.60 -32.53
N ALA B 348 8.80 11.48 -32.11
CA ALA B 348 7.37 11.18 -32.27
C ALA B 348 6.97 11.18 -33.74
N LYS B 349 7.65 11.97 -34.57
CA LYS B 349 7.29 12.04 -35.99
C LYS B 349 7.67 10.77 -36.73
N MET B 350 8.91 10.29 -36.54
CA MET B 350 9.35 9.06 -37.19
C MET B 350 8.59 7.84 -36.68
N LYS B 351 7.86 7.96 -35.58
CA LYS B 351 7.01 6.88 -35.10
C LYS B 351 5.62 6.88 -35.72
N GLY B 352 5.27 7.92 -36.46
CA GLY B 352 4.02 7.96 -37.19
C GLY B 352 2.91 8.78 -36.57
N PHE B 353 3.22 9.73 -35.69
CA PHE B 353 2.20 10.52 -35.02
C PHE B 353 1.85 11.76 -35.85
N ASP B 354 0.66 12.29 -35.60
CA ASP B 354 0.15 13.46 -36.30
C ASP B 354 0.23 14.74 -35.48
N VAL B 355 0.14 14.64 -34.15
CA VAL B 355 0.14 15.80 -33.28
C VAL B 355 0.95 15.47 -32.02
N PHE B 356 1.40 16.52 -31.34
CA PHE B 356 2.14 16.40 -30.09
C PHE B 356 1.55 17.39 -29.10
N ASN B 357 0.98 16.88 -28.01
CA ASN B 357 0.31 17.70 -27.02
C ASN B 357 1.13 17.75 -25.74
N ALA B 358 1.03 18.88 -25.03
CA ALA B 358 1.73 19.07 -23.77
C ALA B 358 1.07 20.22 -23.02
N LEU B 359 0.75 19.98 -21.75
CA LEU B 359 0.24 21.05 -20.92
C LEU B 359 1.35 22.06 -20.63
N ASP B 360 0.95 23.23 -20.12
CA ASP B 360 1.90 24.27 -19.75
C ASP B 360 2.42 24.10 -18.33
N LEU B 361 2.20 22.94 -17.71
CA LEU B 361 2.68 22.69 -16.37
C LEU B 361 4.20 22.51 -16.36
N MET B 362 4.76 22.54 -15.16
CA MET B 362 6.21 22.40 -14.93
C MET B 362 6.91 23.48 -15.76
N GLU B 363 8.05 23.17 -16.38
CA GLU B 363 8.82 24.15 -17.13
C GLU B 363 8.44 24.23 -18.59
N ASN B 364 7.25 23.73 -18.95
CA ASN B 364 6.88 23.69 -20.37
C ASN B 364 6.62 25.06 -20.95
N LYS B 365 6.35 26.07 -20.11
CA LYS B 365 6.05 27.40 -20.62
C LYS B 365 7.21 27.99 -21.41
N THR B 366 8.44 27.52 -21.14
CA THR B 366 9.60 28.11 -21.80
C THR B 366 9.72 27.66 -23.25
N PHE B 367 9.51 26.37 -23.52
CA PHE B 367 9.78 25.82 -24.84
C PHE B 367 8.55 25.75 -25.74
N LEU B 368 7.35 25.96 -25.19
CA LEU B 368 6.13 25.75 -25.99
C LEU B 368 6.09 26.70 -27.17
N GLU B 369 6.36 27.99 -26.95
CA GLU B 369 6.23 28.97 -28.02
C GLU B 369 7.34 28.82 -29.06
N LYS B 370 8.56 28.47 -28.62
CA LYS B 370 9.67 28.37 -29.56
C LYS B 370 9.50 27.18 -30.49
N LEU B 371 9.14 26.02 -29.95
CA LEU B 371 8.91 24.83 -30.79
C LEU B 371 7.67 24.96 -31.68
N LYS B 372 7.05 26.15 -31.72
CA LYS B 372 5.88 26.41 -32.55
C LYS B 372 4.68 25.57 -32.10
N PHE B 373 4.42 25.58 -30.79
CA PHE B 373 3.18 25.04 -30.27
C PHE B 373 2.06 26.07 -30.40
N GLY B 374 0.87 25.59 -30.70
CA GLY B 374 -0.32 26.43 -30.74
C GLY B 374 -1.15 26.21 -29.47
N ILE B 375 -1.73 27.30 -28.96
CA ILE B 375 -2.44 27.23 -27.69
C ILE B 375 -3.75 26.48 -27.87
N GLY B 376 -4.34 26.04 -26.75
CA GLY B 376 -5.39 25.07 -26.77
C GLY B 376 -6.81 25.61 -26.63
N ASP B 377 -7.76 24.73 -26.93
CA ASP B 377 -9.18 25.04 -26.88
C ASP B 377 -9.71 25.14 -25.45
N GLY B 378 -9.34 24.19 -24.59
CA GLY B 378 -9.88 24.15 -23.25
C GLY B 378 -8.80 23.90 -22.22
N ASN B 379 -9.21 24.00 -20.95
CA ASN B 379 -8.31 23.92 -19.81
C ASN B 379 -8.42 22.56 -19.13
N LEU B 380 -7.43 22.27 -18.28
CA LEU B 380 -7.45 21.11 -17.40
C LEU B 380 -7.37 21.62 -15.96
N GLN B 381 -8.22 21.08 -15.10
CA GLN B 381 -8.34 21.53 -13.71
C GLN B 381 -7.81 20.45 -12.78
N TYR B 382 -6.89 20.81 -11.90
CA TYR B 382 -6.36 19.90 -10.90
C TYR B 382 -7.09 20.09 -9.59
N TYR B 383 -7.72 19.01 -9.09
CA TYR B 383 -8.54 19.05 -7.89
C TYR B 383 -7.95 18.15 -6.83
N LEU B 384 -8.04 18.59 -5.57
CA LEU B 384 -7.70 17.77 -4.41
C LEU B 384 -8.97 17.52 -3.60
N TYR B 385 -9.29 16.25 -3.40
CA TYR B 385 -10.46 15.87 -2.60
C TYR B 385 -10.04 15.68 -1.15
N ASN B 386 -10.81 16.27 -0.24
CA ASN B 386 -10.63 16.22 1.22
C ASN B 386 -9.37 16.97 1.66
N TRP B 387 -8.64 17.60 0.76
CA TRP B 387 -7.46 18.37 1.13
C TRP B 387 -7.71 19.85 0.90
N LYS B 388 -7.31 20.67 1.87
CA LYS B 388 -7.56 22.10 1.89
C LYS B 388 -6.23 22.82 1.87
N CYS B 389 -5.92 23.49 0.76
CA CYS B 389 -4.63 24.15 0.60
C CYS B 389 -4.79 25.28 -0.40
N PRO B 390 -3.86 26.23 -0.42
CA PRO B 390 -3.95 27.33 -1.39
C PRO B 390 -3.74 26.85 -2.81
N SER B 391 -4.26 27.64 -3.75
CA SER B 391 -4.05 27.36 -5.16
C SER B 391 -2.60 27.66 -5.54
N MET B 392 -2.17 27.08 -6.67
CA MET B 392 -0.84 27.31 -7.19
C MET B 392 -0.92 27.62 -8.67
N GLY B 393 0.15 28.23 -9.18
CA GLY B 393 0.26 28.48 -10.60
C GLY B 393 0.53 27.22 -11.39
N ALA B 394 0.32 27.31 -12.71
CA ALA B 394 0.50 26.14 -13.57
C ALA B 394 1.92 25.61 -13.50
N GLU B 395 2.90 26.50 -13.37
CA GLU B 395 4.30 26.09 -13.35
C GLU B 395 4.67 25.32 -12.09
N LYS B 396 3.83 25.32 -11.06
CA LYS B 396 4.08 24.55 -9.86
C LYS B 396 3.44 23.16 -9.89
N VAL B 397 2.63 22.88 -10.91
CA VAL B 397 1.98 21.58 -11.03
C VAL B 397 2.96 20.62 -11.70
N GLY B 398 3.38 19.59 -10.96
CA GLY B 398 4.27 18.58 -11.50
C GLY B 398 3.62 17.20 -11.52
N LEU B 399 2.36 17.16 -11.95
CA LEU B 399 1.57 15.92 -11.98
C LEU B 399 0.95 15.77 -13.35
N VAL B 400 1.30 14.71 -14.06
CA VAL B 400 0.77 14.40 -15.38
C VAL B 400 0.06 13.06 -15.32
N LEU B 401 -1.22 13.04 -15.66
CA LEU B 401 -2.04 11.84 -15.61
C LEU B 401 -2.58 11.51 -16.99
N GLN B 402 -2.98 10.25 -17.16
CA GLN B 402 -3.47 9.76 -18.44
C GLN B 402 -4.91 10.20 -18.68
N ASN C 2 6.10 -14.29 19.75
CA ASN C 2 7.05 -14.56 18.68
C ASN C 2 8.23 -15.40 19.16
N CYS C 3 8.54 -15.35 20.46
CA CYS C 3 9.61 -16.13 21.05
C CYS C 3 9.04 -17.01 22.16
N PHE C 4 9.81 -18.01 22.56
CA PHE C 4 9.30 -19.06 23.43
C PHE C 4 9.68 -18.80 24.88
N SER C 5 8.72 -19.00 25.79
CA SER C 5 8.92 -18.79 27.21
C SER C 5 8.16 -19.84 28.00
N LYS C 6 8.68 -20.19 29.18
CA LYS C 6 8.11 -21.15 30.09
C LYS C 6 7.96 -20.51 31.47
N PRO C 7 7.05 -21.00 32.30
CA PRO C 7 6.92 -20.44 33.66
C PRO C 7 8.16 -20.71 34.48
N ARG C 8 8.53 -19.74 35.30
CA ARG C 8 9.74 -19.86 36.09
C ARG C 8 9.40 -19.99 37.58
N ASN D 2 -8.28 14.29 -19.30
CA ASN D 2 -9.67 13.94 -19.07
C ASN D 2 -10.57 14.94 -19.76
N CYS D 3 -9.97 15.70 -20.68
CA CYS D 3 -10.69 16.60 -21.56
C CYS D 3 -9.96 16.65 -22.89
N PHE D 4 -10.73 16.61 -23.98
CA PHE D 4 -10.18 16.80 -25.31
C PHE D 4 -9.97 18.29 -25.57
N SER D 5 -9.01 18.60 -26.44
CA SER D 5 -8.66 19.99 -26.66
C SER D 5 -8.14 20.20 -28.07
N LYS D 6 -8.36 21.41 -28.56
CA LYS D 6 -8.04 21.84 -29.92
C LYS D 6 -7.22 23.11 -29.83
N PRO D 7 -6.70 23.60 -30.96
CA PRO D 7 -6.04 24.92 -30.95
C PRO D 7 -7.05 26.06 -30.89
N ARG D 8 -6.68 27.09 -30.11
CA ARG D 8 -7.53 28.28 -29.97
C ARG D 8 -6.69 29.55 -29.79
#